data_8QZ3
#
_entry.id   8QZ3
#
_cell.length_a   51.264
_cell.length_b   102.1
_cell.length_c   215.817
_cell.angle_alpha   90
_cell.angle_beta   90
_cell.angle_gamma   90
#
_symmetry.space_group_name_H-M   'P 2 21 21'
#
loop_
_entity.id
_entity.type
_entity.pdbx_description
1 polymer 'Potassium channel subfamily K member 10'
2 polymer 'Nanobody 67'
3 non-polymer 'POTASSIUM ION'
4 non-polymer (4S)-2-METHYL-2,4-PENTANEDIOL
5 water water
#
loop_
_entity_poly.entity_id
_entity_poly.type
_entity_poly.pdbx_seq_one_letter_code
_entity_poly.pdbx_strand_id
1 'polypeptide(L)'
;MKTVVAIFVVVVVYLVTGGLVFRALEQPFESSQKNTIALEKAEFLRDHVCVSPQELETLIQHALDADNAGVSPIGQSSQQ
SSHWDLGSAFFFAGTVITTIGYGNIAPSTEGGKIFCILYAIFGIPLFGFLLAGIGDQLGTIFGKSIARVEKVFRKKQVSQ
TKIRVISTILFILAGCIVFVTIPAVIFKYIEGWTALESIYFVVVTLTTVGFGDFVAGGNAGINYREWYKPLVWFWILVGL
AYFAAVLSMIGDWLRVLSKKTKEEVGEAENLYFQ
;
A,B
2 'polypeptide(L)'
;QVQLVESGGGLVQAGGSLRLSCAASGRAFSTYVMGWFREAPGKERDFVATLSRGGAVTYYADSVKGRFTISRDNAKNTVY
LQMDSLEPEDTAVYYCAARDRLGGAGTATFWGDYDYWGQGTQVTVSSHHHHHHEPEA
;
C,D,E
#
loop_
_chem_comp.id
_chem_comp.type
_chem_comp.name
_chem_comp.formula
K non-polymer 'POTASSIUM ION' 'K 1'
MPD non-polymer (4S)-2-METHYL-2,4-PENTANEDIOL 'C6 H14 O2'
#
# COMPACT_ATOMS: atom_id res chain seq x y z
N MET A 1 -29.00 2.21 19.86
CA MET A 1 -28.41 3.22 20.74
C MET A 1 -27.62 2.56 21.89
N LYS A 2 -28.29 1.78 22.75
CA LYS A 2 -27.59 1.07 23.84
C LYS A 2 -26.74 -0.09 23.27
N THR A 3 -27.24 -0.75 22.22
CA THR A 3 -26.55 -1.85 21.55
C THR A 3 -25.27 -1.34 20.86
N VAL A 4 -25.34 -0.15 20.25
CA VAL A 4 -24.21 0.46 19.56
C VAL A 4 -23.11 0.86 20.56
N VAL A 5 -23.49 1.31 21.75
CA VAL A 5 -22.51 1.68 22.78
C VAL A 5 -21.84 0.42 23.33
N ALA A 6 -22.62 -0.66 23.53
CA ALA A 6 -22.10 -1.93 24.02
C ALA A 6 -21.04 -2.52 23.07
N ILE A 7 -21.31 -2.50 21.75
CA ILE A 7 -20.35 -3.02 20.77
C ILE A 7 -19.13 -2.11 20.66
N PHE A 8 -19.29 -0.79 20.87
CA PHE A 8 -18.19 0.16 20.84
C PHE A 8 -17.22 -0.13 21.99
N VAL A 9 -17.75 -0.45 23.18
CA VAL A 9 -16.93 -0.77 24.35
C VAL A 9 -16.15 -2.06 24.07
N VAL A 10 -16.80 -3.06 23.49
CA VAL A 10 -16.15 -4.33 23.15
C VAL A 10 -15.02 -4.11 22.13
N VAL A 11 -15.27 -3.28 21.10
CA VAL A 11 -14.27 -2.97 20.07
C VAL A 11 -13.08 -2.20 20.67
N VAL A 12 -13.33 -1.22 21.56
CA VAL A 12 -12.26 -0.47 22.20
C VAL A 12 -11.40 -1.38 23.08
N VAL A 13 -12.04 -2.30 23.82
CA VAL A 13 -11.32 -3.26 24.66
C VAL A 13 -10.48 -4.20 23.79
N TYR A 14 -11.05 -4.65 22.66
CA TYR A 14 -10.38 -5.51 21.69
C TYR A 14 -9.15 -4.80 21.07
N LEU A 15 -9.25 -3.49 20.88
CA LEU A 15 -8.17 -2.67 20.32
C LEU A 15 -7.06 -2.42 21.35
N VAL A 16 -7.43 -2.19 22.61
CA VAL A 16 -6.46 -1.96 23.69
C VAL A 16 -5.72 -3.26 23.99
N THR A 17 -6.46 -4.39 24.04
CA THR A 17 -5.88 -5.70 24.27
C THR A 17 -4.90 -6.05 23.14
N GLY A 18 -5.33 -5.79 21.90
CA GLY A 18 -4.52 -6.02 20.71
C GLY A 18 -3.27 -5.17 20.69
N GLY A 19 -3.40 -3.93 21.14
CA GLY A 19 -2.27 -3.00 21.23
C GLY A 19 -1.25 -3.45 22.25
N LEU A 20 -1.72 -4.00 23.38
CA LEU A 20 -0.85 -4.52 24.43
C LEU A 20 -0.13 -5.79 23.97
N VAL A 21 -0.83 -6.65 23.22
CA VAL A 21 -0.23 -7.90 22.72
C VAL A 21 0.80 -7.61 21.61
N PHE A 22 0.44 -6.76 20.63
CA PHE A 22 1.34 -6.39 19.54
C PHE A 22 2.59 -5.65 20.05
N ARG A 23 2.45 -4.86 21.13
CA ARG A 23 3.59 -4.14 21.70
C ARG A 23 4.53 -5.15 22.37
N ALA A 24 3.97 -6.09 23.13
CA ALA A 24 4.79 -7.11 23.80
C ALA A 24 5.47 -8.05 22.81
N LEU A 25 4.84 -8.32 21.67
CA LEU A 25 5.41 -9.21 20.67
C LEU A 25 6.37 -8.53 19.69
N GLU A 26 6.32 -7.19 19.58
CA GLU A 26 7.16 -6.50 18.60
C GLU A 26 8.17 -5.47 19.15
N GLN A 27 7.79 -4.70 20.18
CA GLN A 27 8.67 -3.68 20.73
C GLN A 27 10.04 -4.20 21.23
N PRO A 28 10.15 -5.33 21.97
CA PRO A 28 11.48 -5.80 22.39
C PRO A 28 12.39 -6.18 21.21
N PHE A 29 11.81 -6.69 20.12
CA PHE A 29 12.60 -7.03 18.94
C PHE A 29 13.00 -5.76 18.19
N GLU A 30 12.09 -4.78 18.11
CA GLU A 30 12.37 -3.50 17.45
C GLU A 30 13.49 -2.77 18.18
N SER A 31 13.47 -2.79 19.52
CA SER A 31 14.49 -2.17 20.35
C SER A 31 15.87 -2.83 20.20
N SER A 32 15.90 -4.12 19.83
CA SER A 32 17.15 -4.85 19.64
C SER A 32 17.89 -4.45 18.37
N GLN A 33 17.16 -3.99 17.34
CA GLN A 33 17.76 -3.62 16.06
C GLN A 33 18.47 -2.27 16.10
N LYS A 34 19.80 -2.28 16.06
CA LYS A 34 20.60 -1.05 16.11
C LYS A 34 21.03 -0.50 14.74
N ASN A 35 20.76 -1.24 13.64
CA ASN A 35 21.15 -0.79 12.30
C ASN A 35 20.39 0.45 11.83
N THR A 36 21.12 1.54 11.56
CA THR A 36 20.54 2.81 11.11
C THR A 36 21.22 3.36 9.88
N ILE A 37 20.49 4.18 9.11
CA ILE A 37 21.03 4.84 7.92
C ILE A 37 21.93 6.03 8.31
N ALA A 38 21.75 6.60 9.52
CA ALA A 38 22.54 7.73 9.99
C ALA A 38 23.99 7.31 10.20
N LEU A 39 24.22 6.12 10.77
CA LEU A 39 25.59 5.65 10.99
C LEU A 39 26.24 5.25 9.68
N GLU A 40 25.47 4.65 8.77
CA GLU A 40 25.99 4.27 7.45
C GLU A 40 26.36 5.52 6.63
N LYS A 41 25.59 6.60 6.77
CA LYS A 41 25.84 7.87 6.08
C LYS A 41 27.07 8.57 6.65
N ALA A 42 27.23 8.53 7.98
CA ALA A 42 28.38 9.13 8.66
C ALA A 42 29.67 8.39 8.33
N GLU A 43 29.60 7.06 8.17
CA GLU A 43 30.75 6.25 7.80
C GLU A 43 31.11 6.48 6.34
N PHE A 44 30.10 6.67 5.47
CA PHE A 44 30.29 6.95 4.05
C PHE A 44 31.11 8.23 3.88
N LEU A 45 30.83 9.27 4.70
CA LEU A 45 31.54 10.54 4.65
C LEU A 45 33.00 10.43 5.07
N ARG A 46 33.33 9.52 6.01
CA ARG A 46 34.72 9.32 6.43
C ARG A 46 35.49 8.39 5.47
N ASP A 47 34.78 7.51 4.77
CA ASP A 47 35.36 6.62 3.77
C ASP A 47 35.61 7.36 2.44
N HIS A 48 34.76 8.35 2.12
CA HIS A 48 34.87 9.13 0.91
C HIS A 48 35.06 10.60 1.26
N VAL A 49 36.30 11.01 1.52
CA VAL A 49 36.61 12.38 1.92
C VAL A 49 36.37 13.40 0.80
N CYS A 50 36.39 12.95 -0.47
CA CYS A 50 36.13 13.84 -1.61
C CYS A 50 34.70 14.38 -1.68
N VAL A 51 33.76 13.77 -0.92
CA VAL A 51 32.36 14.19 -0.86
C VAL A 51 32.11 14.91 0.46
N SER A 52 31.45 16.08 0.42
CA SER A 52 31.13 16.83 1.64
C SER A 52 29.72 16.48 2.16
N PRO A 53 29.44 16.67 3.47
CA PRO A 53 28.10 16.32 3.97
C PRO A 53 26.92 16.90 3.20
N GLN A 54 26.99 18.16 2.74
CA GLN A 54 25.88 18.76 1.97
C GLN A 54 25.78 18.24 0.54
N GLU A 55 26.91 17.80 -0.04
CA GLU A 55 26.93 17.22 -1.38
C GLU A 55 26.25 15.85 -1.37
N LEU A 56 26.47 15.05 -0.32
CA LEU A 56 25.84 13.75 -0.19
C LEU A 56 24.35 13.91 0.12
N GLU A 57 24.01 14.86 1.01
CA GLU A 57 22.64 15.19 1.41
C GLU A 57 21.78 15.56 0.19
N THR A 58 22.37 16.28 -0.76
CA THR A 58 21.70 16.75 -1.98
C THR A 58 21.32 15.60 -2.89
N LEU A 59 22.22 14.62 -3.06
CA LEU A 59 21.93 13.46 -3.90
C LEU A 59 20.90 12.55 -3.24
N ILE A 60 21.00 12.37 -1.91
CA ILE A 60 20.06 11.54 -1.16
C ILE A 60 18.66 12.15 -1.21
N GLN A 61 18.56 13.48 -1.06
CA GLN A 61 17.26 14.14 -1.13
C GLN A 61 16.65 14.03 -2.52
N HIS A 62 17.47 14.17 -3.56
CA HIS A 62 17.01 14.03 -4.94
C HIS A 62 16.62 12.59 -5.29
N ALA A 63 17.26 11.61 -4.65
CA ALA A 63 16.90 10.20 -4.86
C ALA A 63 15.48 9.95 -4.33
N LEU A 64 15.14 10.57 -3.18
CA LEU A 64 13.83 10.47 -2.56
C LEU A 64 12.78 11.20 -3.40
N ASP A 65 13.15 12.34 -4.00
CA ASP A 65 12.25 13.13 -4.86
C ASP A 65 11.92 12.37 -6.13
N ALA A 66 12.87 11.60 -6.68
CA ALA A 66 12.67 10.82 -7.89
C ALA A 66 12.09 9.42 -7.65
N ASP A 67 11.96 9.01 -6.38
CA ASP A 67 11.44 7.71 -5.99
C ASP A 67 9.94 7.59 -6.26
N ASN A 68 9.46 6.37 -6.54
CA ASN A 68 8.05 6.09 -6.78
C ASN A 68 7.22 6.32 -5.51
N ALA A 69 5.92 6.58 -5.66
CA ALA A 69 5.03 6.80 -4.52
C ALA A 69 4.75 5.53 -3.71
N GLY A 70 4.89 4.38 -4.35
CA GLY A 70 4.63 3.11 -3.69
C GLY A 70 5.82 2.57 -2.92
N VAL A 71 5.53 1.86 -1.83
CA VAL A 71 6.53 1.22 -0.98
C VAL A 71 6.59 -0.26 -1.34
N SER A 72 7.69 -0.69 -1.95
CA SER A 72 7.90 -2.07 -2.39
C SER A 72 7.91 -3.07 -1.22
N PRO A 73 7.56 -4.35 -1.47
CA PRO A 73 7.59 -5.33 -0.38
C PRO A 73 8.96 -5.52 0.26
N ILE A 74 8.99 -6.09 1.47
CA ILE A 74 10.20 -6.31 2.26
C ILE A 74 11.29 -7.08 1.52
N GLY A 75 12.42 -6.41 1.27
CA GLY A 75 13.58 -6.97 0.60
C GLY A 75 13.52 -6.97 -0.92
N GLN A 76 12.73 -6.07 -1.52
CA GLN A 76 12.60 -6.01 -2.97
C GLN A 76 12.61 -4.58 -3.52
N SER A 77 13.41 -3.69 -2.93
CA SER A 77 13.48 -2.31 -3.38
C SER A 77 14.53 -2.03 -4.46
N SER A 78 15.51 -2.93 -4.62
CA SER A 78 16.56 -2.75 -5.61
C SER A 78 16.26 -3.49 -6.92
N GLN A 79 15.00 -3.46 -7.35
CA GLN A 79 14.57 -4.12 -8.58
C GLN A 79 14.72 -3.22 -9.81
N GLN A 80 14.32 -1.94 -9.66
CA GLN A 80 14.35 -0.93 -10.72
C GLN A 80 13.47 -1.29 -11.91
N SER A 81 12.35 -1.97 -11.65
CA SER A 81 11.40 -2.36 -12.70
C SER A 81 10.36 -1.25 -12.92
N SER A 82 9.76 -1.20 -14.11
CA SER A 82 8.75 -0.20 -14.42
C SER A 82 7.46 -0.52 -13.67
N HIS A 83 7.14 0.28 -12.66
CA HIS A 83 5.92 0.10 -11.88
C HIS A 83 4.65 0.37 -12.68
N TRP A 84 4.76 0.96 -13.89
CA TRP A 84 3.58 1.33 -14.65
C TRP A 84 3.48 0.75 -16.04
N ASP A 85 4.09 -0.44 -16.28
CA ASP A 85 3.90 -1.11 -17.57
C ASP A 85 2.49 -1.73 -17.58
N LEU A 86 1.86 -1.87 -18.75
CA LEU A 86 0.48 -2.37 -18.88
C LEU A 86 0.10 -3.53 -17.95
N GLY A 87 1.00 -4.49 -17.77
CA GLY A 87 0.78 -5.62 -16.89
C GLY A 87 0.60 -5.22 -15.45
N SER A 88 1.61 -4.51 -14.89
CA SER A 88 1.55 -4.07 -13.49
C SER A 88 0.58 -2.91 -13.26
N ALA A 89 0.15 -2.22 -14.31
CA ALA A 89 -0.87 -1.17 -14.20
C ALA A 89 -2.26 -1.82 -14.08
N PHE A 90 -2.47 -2.97 -14.75
CA PHE A 90 -3.70 -3.76 -14.67
C PHE A 90 -3.83 -4.33 -13.26
N PHE A 91 -2.73 -4.83 -12.68
CA PHE A 91 -2.72 -5.38 -11.33
C PHE A 91 -2.93 -4.28 -10.30
N PHE A 92 -2.40 -3.06 -10.55
CA PHE A 92 -2.61 -1.93 -9.65
C PHE A 92 -4.09 -1.55 -9.63
N ALA A 93 -4.74 -1.55 -10.80
CA ALA A 93 -6.16 -1.24 -10.91
C ALA A 93 -7.01 -2.21 -10.07
N GLY A 94 -6.56 -3.46 -9.96
CA GLY A 94 -7.22 -4.48 -9.17
C GLY A 94 -7.12 -4.21 -7.68
N THR A 95 -5.96 -3.74 -7.20
CA THR A 95 -5.77 -3.42 -5.77
C THR A 95 -6.69 -2.28 -5.27
N VAL A 96 -7.25 -1.48 -6.19
CA VAL A 96 -8.12 -0.38 -5.81
C VAL A 96 -9.58 -0.86 -5.67
N ILE A 97 -10.13 -1.52 -6.70
CA ILE A 97 -11.51 -1.98 -6.70
C ILE A 97 -11.74 -3.15 -5.73
N THR A 98 -10.70 -3.94 -5.43
CA THR A 98 -10.81 -5.01 -4.44
C THR A 98 -10.62 -4.53 -2.99
N THR A 99 -10.14 -3.28 -2.81
CA THR A 99 -9.83 -2.60 -1.55
C THR A 99 -8.63 -3.21 -0.82
N ILE A 100 -7.83 -4.06 -1.50
CA ILE A 100 -6.65 -4.66 -0.88
C ILE A 100 -5.60 -3.58 -0.67
N GLY A 101 -5.31 -2.84 -1.74
CA GLY A 101 -4.38 -1.72 -1.74
C GLY A 101 -3.06 -1.98 -1.06
N TYR A 102 -2.20 -2.83 -1.66
CA TYR A 102 -0.88 -3.16 -1.12
C TYR A 102 -0.04 -1.89 -0.94
N GLY A 103 -0.11 -1.01 -1.92
CA GLY A 103 0.66 0.22 -1.89
C GLY A 103 2.06 0.08 -2.44
N ASN A 104 2.40 -1.06 -3.05
CA ASN A 104 3.71 -1.26 -3.67
C ASN A 104 3.83 -0.39 -4.93
N ILE A 105 2.72 -0.20 -5.63
CA ILE A 105 2.58 0.68 -6.79
C ILE A 105 1.52 1.71 -6.40
N ALA A 106 1.80 3.01 -6.55
CA ALA A 106 0.84 4.05 -6.18
C ALA A 106 1.03 5.31 -7.04
N PRO A 107 -0.05 6.05 -7.33
CA PRO A 107 0.09 7.24 -8.19
C PRO A 107 0.87 8.41 -7.59
N SER A 108 1.90 8.87 -8.31
CA SER A 108 2.72 10.00 -7.90
C SER A 108 2.19 11.29 -8.54
N THR A 109 1.74 11.20 -9.81
CA THR A 109 1.25 12.36 -10.57
C THR A 109 -0.12 12.85 -10.08
N GLU A 110 -0.45 14.10 -10.39
CA GLU A 110 -1.71 14.71 -10.04
C GLU A 110 -2.86 14.04 -10.79
N GLY A 111 -2.65 13.78 -12.08
CA GLY A 111 -3.64 13.13 -12.91
C GLY A 111 -4.01 11.73 -12.43
N GLY A 112 -3.02 11.03 -11.90
CA GLY A 112 -3.20 9.69 -11.37
C GLY A 112 -3.99 9.68 -10.08
N LYS A 113 -3.77 10.68 -9.22
CA LYS A 113 -4.48 10.81 -7.95
C LYS A 113 -5.96 11.18 -8.19
N ILE A 114 -6.23 12.06 -9.15
CA ILE A 114 -7.59 12.48 -9.49
C ILE A 114 -8.35 11.29 -10.08
N PHE A 115 -7.70 10.56 -10.99
CA PHE A 115 -8.32 9.39 -11.60
C PHE A 115 -8.51 8.25 -10.61
N CYS A 116 -7.62 8.13 -9.62
CA CYS A 116 -7.73 7.07 -8.60
C CYS A 116 -8.91 7.30 -7.68
N ILE A 117 -9.23 8.56 -7.37
CA ILE A 117 -10.36 8.89 -6.51
C ILE A 117 -11.67 8.44 -7.18
N LEU A 118 -11.85 8.81 -8.46
CA LEU A 118 -13.04 8.44 -9.21
C LEU A 118 -13.06 6.93 -9.53
N TYR A 119 -11.90 6.32 -9.72
CA TYR A 119 -11.77 4.90 -10.00
C TYR A 119 -12.23 4.06 -8.82
N ALA A 120 -11.96 4.52 -7.60
CA ALA A 120 -12.36 3.82 -6.39
C ALA A 120 -13.85 4.02 -6.10
N ILE A 121 -14.36 5.24 -6.33
CA ILE A 121 -15.75 5.60 -6.06
C ILE A 121 -16.73 4.79 -6.91
N PHE A 122 -16.38 4.50 -8.17
CA PHE A 122 -17.25 3.73 -9.04
C PHE A 122 -16.82 2.27 -9.24
N GLY A 123 -15.54 1.97 -9.02
CA GLY A 123 -15.00 0.63 -9.18
C GLY A 123 -15.20 -0.33 -8.02
N ILE A 124 -15.15 0.17 -6.78
CA ILE A 124 -15.35 -0.66 -5.61
C ILE A 124 -16.80 -1.23 -5.56
N PRO A 125 -17.87 -0.42 -5.78
CA PRO A 125 -19.22 -1.01 -5.81
C PRO A 125 -19.43 -1.94 -7.00
N LEU A 126 -18.74 -1.68 -8.13
CA LEU A 126 -18.80 -2.51 -9.34
C LEU A 126 -18.20 -3.89 -9.03
N PHE A 127 -17.08 -3.93 -8.28
CA PHE A 127 -16.46 -5.20 -7.90
C PHE A 127 -17.32 -5.97 -6.90
N GLY A 128 -18.06 -5.24 -6.04
CA GLY A 128 -18.95 -5.83 -5.06
C GLY A 128 -20.09 -6.62 -5.70
N PHE A 129 -20.56 -6.12 -6.85
CA PHE A 129 -21.61 -6.73 -7.68
C PHE A 129 -21.10 -8.10 -8.15
N LEU A 130 -19.83 -8.16 -8.59
CA LEU A 130 -19.15 -9.37 -9.06
C LEU A 130 -18.92 -10.36 -7.90
N LEU A 131 -18.44 -9.86 -6.75
CA LEU A 131 -18.19 -10.67 -5.57
C LEU A 131 -19.46 -11.34 -5.03
N ALA A 132 -20.61 -10.66 -5.17
CA ALA A 132 -21.90 -11.22 -4.74
C ALA A 132 -22.30 -12.39 -5.66
N GLY A 133 -22.03 -12.25 -6.94
CA GLY A 133 -22.32 -13.29 -7.93
C GLY A 133 -21.40 -14.48 -7.76
N ILE A 134 -20.12 -14.23 -7.44
CA ILE A 134 -19.15 -15.30 -7.21
C ILE A 134 -19.48 -16.07 -5.94
N GLY A 135 -19.94 -15.37 -4.90
CA GLY A 135 -20.37 -16.02 -3.67
C GLY A 135 -21.58 -16.90 -3.89
N ASP A 136 -22.50 -16.46 -4.76
CA ASP A 136 -23.70 -17.21 -5.11
C ASP A 136 -23.32 -18.43 -5.97
N GLN A 137 -22.35 -18.26 -6.87
CA GLN A 137 -21.85 -19.32 -7.72
C GLN A 137 -21.14 -20.39 -6.88
N LEU A 138 -20.43 -19.97 -5.83
CA LEU A 138 -19.75 -20.90 -4.92
C LEU A 138 -20.78 -21.67 -4.08
N GLY A 139 -21.81 -20.98 -3.62
CA GLY A 139 -22.87 -21.58 -2.83
C GLY A 139 -23.69 -22.58 -3.60
N THR A 140 -23.94 -22.29 -4.88
CA THR A 140 -24.71 -23.19 -5.74
C THR A 140 -23.89 -24.43 -6.10
N ILE A 141 -22.59 -24.25 -6.39
CA ILE A 141 -21.70 -25.35 -6.73
C ILE A 141 -21.53 -26.27 -5.51
N PHE A 142 -21.33 -25.67 -4.33
CA PHE A 142 -21.19 -26.43 -3.10
C PHE A 142 -22.49 -27.15 -2.75
N GLY A 143 -23.62 -26.47 -2.97
CA GLY A 143 -24.94 -27.03 -2.72
C GLY A 143 -25.22 -28.25 -3.56
N LYS A 144 -24.76 -28.23 -4.82
CA LYS A 144 -24.93 -29.36 -5.74
C LYS A 144 -24.06 -30.53 -5.32
N SER A 145 -22.83 -30.25 -4.88
CA SER A 145 -21.89 -31.29 -4.44
C SER A 145 -22.34 -31.94 -3.13
N ILE A 146 -22.94 -31.14 -2.25
CA ILE A 146 -23.42 -31.64 -0.96
C ILE A 146 -24.86 -32.18 -1.02
N ALA A 147 -25.57 -32.06 -2.16
CA ALA A 147 -26.93 -32.57 -2.27
C ALA A 147 -27.02 -34.08 -2.02
N ARG A 148 -25.96 -34.83 -2.33
CA ARG A 148 -25.92 -36.26 -2.07
C ARG A 148 -25.82 -36.51 -0.55
N VAL A 149 -25.02 -35.68 0.15
CA VAL A 149 -24.83 -35.75 1.59
C VAL A 149 -26.12 -35.36 2.31
N GLU A 150 -26.77 -34.28 1.86
CA GLU A 150 -28.02 -33.82 2.46
C GLU A 150 -29.17 -34.81 2.25
N LYS A 151 -29.11 -35.62 1.18
CA LYS A 151 -30.13 -36.63 0.93
C LYS A 151 -30.00 -37.76 1.95
N VAL A 152 -28.76 -38.16 2.30
CA VAL A 152 -28.51 -39.18 3.31
C VAL A 152 -28.82 -38.64 4.71
N PHE A 153 -28.52 -37.36 4.95
CA PHE A 153 -28.80 -36.70 6.22
C PHE A 153 -30.31 -36.62 6.45
N ARG A 154 -31.08 -36.29 5.40
CA ARG A 154 -32.54 -36.19 5.51
C ARG A 154 -33.21 -37.55 5.69
N LYS A 155 -32.60 -38.61 5.14
CA LYS A 155 -33.09 -39.98 5.22
C LYS A 155 -33.07 -40.45 6.69
N LYS A 156 -32.02 -40.09 7.43
CA LYS A 156 -31.88 -40.49 8.84
C LYS A 156 -32.60 -39.57 9.83
N GLN A 157 -33.64 -38.84 9.35
CA GLN A 157 -34.49 -37.93 10.12
C GLN A 157 -33.73 -36.82 10.86
N VAL A 158 -32.68 -36.27 10.26
CA VAL A 158 -31.90 -35.19 10.86
C VAL A 158 -32.59 -33.85 10.59
N SER A 159 -32.70 -32.98 11.61
CA SER A 159 -33.34 -31.67 11.52
C SER A 159 -32.67 -30.75 10.48
N GLN A 160 -33.42 -29.79 9.91
CA GLN A 160 -32.87 -28.89 8.90
C GLN A 160 -31.83 -27.89 9.47
N THR A 161 -31.82 -27.68 10.79
CA THR A 161 -30.84 -26.79 11.42
C THR A 161 -29.49 -27.50 11.55
N LYS A 162 -29.52 -28.81 11.87
CA LYS A 162 -28.30 -29.61 12.00
C LYS A 162 -27.62 -29.77 10.63
N ILE A 163 -28.42 -29.93 9.57
CA ILE A 163 -27.89 -30.04 8.21
C ILE A 163 -27.23 -28.72 7.77
N ARG A 164 -27.85 -27.59 8.14
CA ARG A 164 -27.35 -26.25 7.83
C ARG A 164 -26.00 -25.97 8.48
N VAL A 165 -25.80 -26.42 9.72
CA VAL A 165 -24.55 -26.21 10.44
C VAL A 165 -23.42 -27.04 9.83
N ILE A 166 -23.64 -28.35 9.63
CA ILE A 166 -22.64 -29.25 9.05
C ILE A 166 -22.23 -28.81 7.63
N SER A 167 -23.20 -28.32 6.84
CA SER A 167 -22.90 -27.86 5.49
C SER A 167 -22.00 -26.62 5.49
N THR A 168 -22.23 -25.68 6.40
CA THR A 168 -21.42 -24.46 6.47
C THR A 168 -19.99 -24.74 6.94
N ILE A 169 -19.82 -25.73 7.83
CA ILE A 169 -18.49 -26.12 8.31
C ILE A 169 -17.74 -26.81 7.17
N LEU A 170 -18.44 -27.61 6.35
CA LEU A 170 -17.85 -28.29 5.19
C LEU A 170 -17.44 -27.29 4.09
N PHE A 171 -18.12 -26.15 4.00
CA PHE A 171 -17.76 -25.07 3.07
C PHE A 171 -16.43 -24.44 3.49
N ILE A 172 -16.24 -24.26 4.81
CA ILE A 172 -15.01 -23.69 5.35
C ILE A 172 -13.85 -24.69 5.24
N LEU A 173 -14.12 -25.99 5.42
CA LEU A 173 -13.10 -27.03 5.35
C LEU A 173 -12.61 -27.25 3.93
N ALA A 174 -13.51 -27.46 2.97
CA ALA A 174 -13.09 -27.63 1.57
C ALA A 174 -12.52 -26.34 0.98
N GLY A 175 -13.15 -25.22 1.32
CA GLY A 175 -12.71 -23.91 0.86
C GLY A 175 -11.38 -23.49 1.43
N CYS A 176 -11.02 -24.00 2.62
CA CYS A 176 -9.73 -23.71 3.21
C CYS A 176 -8.62 -24.43 2.46
N ILE A 177 -8.88 -25.63 1.93
CA ILE A 177 -7.87 -26.37 1.17
C ILE A 177 -7.66 -25.67 -0.17
N VAL A 178 -8.76 -25.34 -0.85
CA VAL A 178 -8.74 -24.71 -2.17
C VAL A 178 -8.20 -23.26 -2.19
N PHE A 179 -8.66 -22.40 -1.29
CA PHE A 179 -8.27 -21.00 -1.30
C PHE A 179 -7.25 -20.56 -0.24
N VAL A 180 -6.93 -21.41 0.75
CA VAL A 180 -6.00 -21.01 1.81
C VAL A 180 -4.73 -21.90 1.89
N THR A 181 -4.90 -23.22 2.09
CA THR A 181 -3.80 -24.18 2.25
C THR A 181 -3.01 -24.43 0.96
N ILE A 182 -3.67 -24.90 -0.13
CA ILE A 182 -2.98 -25.14 -1.41
C ILE A 182 -2.25 -23.88 -1.92
N PRO A 183 -2.88 -22.68 -1.97
CA PRO A 183 -2.15 -21.49 -2.42
C PRO A 183 -0.90 -21.20 -1.61
N ALA A 184 -0.97 -21.28 -0.26
CA ALA A 184 0.18 -21.05 0.62
C ALA A 184 1.35 -22.00 0.34
N VAL A 185 1.05 -23.24 -0.08
CA VAL A 185 2.07 -24.24 -0.43
C VAL A 185 2.80 -23.79 -1.70
N ILE A 186 2.04 -23.26 -2.69
CA ILE A 186 2.56 -22.74 -3.94
C ILE A 186 3.44 -21.52 -3.68
N PHE A 187 2.97 -20.59 -2.83
CA PHE A 187 3.75 -19.38 -2.50
C PHE A 187 5.06 -19.71 -1.77
N LYS A 188 5.08 -20.80 -1.00
CA LYS A 188 6.29 -21.22 -0.30
C LYS A 188 7.35 -21.70 -1.28
N TYR A 189 6.95 -22.44 -2.32
CA TYR A 189 7.90 -22.94 -3.32
C TYR A 189 8.30 -21.88 -4.32
N ILE A 190 7.35 -21.07 -4.81
CA ILE A 190 7.65 -20.05 -5.80
C ILE A 190 8.36 -18.83 -5.19
N GLU A 191 7.76 -18.20 -4.18
CA GLU A 191 8.33 -17.01 -3.57
C GLU A 191 9.51 -17.28 -2.63
N GLY A 192 9.59 -18.48 -2.09
CA GLY A 192 10.63 -18.82 -1.13
C GLY A 192 10.35 -18.31 0.28
N TRP A 193 9.08 -17.98 0.57
CA TRP A 193 8.68 -17.52 1.89
C TRP A 193 8.59 -18.69 2.87
N THR A 194 8.54 -18.40 4.18
CA THR A 194 8.38 -19.46 5.18
C THR A 194 6.91 -19.94 5.21
N ALA A 195 6.63 -21.07 5.89
CA ALA A 195 5.26 -21.59 5.99
C ALA A 195 4.33 -20.57 6.65
N LEU A 196 4.85 -19.78 7.60
CA LEU A 196 4.07 -18.77 8.29
C LEU A 196 3.91 -17.51 7.43
N GLU A 197 4.98 -17.07 6.75
CA GLU A 197 4.91 -15.90 5.88
C GLU A 197 3.89 -16.10 4.75
N SER A 198 3.83 -17.32 4.20
CA SER A 198 2.90 -17.65 3.13
C SER A 198 1.45 -17.63 3.62
N ILE A 199 1.17 -18.19 4.81
CA ILE A 199 -0.19 -18.18 5.35
C ILE A 199 -0.60 -16.77 5.81
N TYR A 200 0.37 -15.96 6.26
CA TYR A 200 0.16 -14.58 6.68
C TYR A 200 -0.19 -13.72 5.47
N PHE A 201 0.40 -14.01 4.30
CA PHE A 201 0.12 -13.32 3.06
C PHE A 201 -1.34 -13.57 2.64
N VAL A 202 -1.77 -14.85 2.67
CA VAL A 202 -3.12 -15.29 2.27
C VAL A 202 -4.21 -14.59 3.08
N VAL A 203 -4.08 -14.61 4.41
CA VAL A 203 -5.07 -13.98 5.29
C VAL A 203 -5.13 -12.47 5.07
N VAL A 204 -3.98 -11.81 5.05
CA VAL A 204 -3.89 -10.36 4.84
C VAL A 204 -4.44 -9.95 3.45
N THR A 205 -4.30 -10.82 2.44
CA THR A 205 -4.83 -10.55 1.10
C THR A 205 -6.34 -10.79 0.99
N LEU A 206 -6.82 -11.97 1.43
CA LEU A 206 -8.23 -12.33 1.32
C LEU A 206 -9.15 -11.58 2.30
N THR A 207 -8.59 -10.98 3.36
CA THR A 207 -9.38 -10.13 4.25
C THR A 207 -9.37 -8.66 3.82
N THR A 208 -8.75 -8.34 2.64
CA THR A 208 -8.58 -7.02 2.01
C THR A 208 -7.73 -6.05 2.84
N VAL A 209 -6.94 -6.56 3.79
CA VAL A 209 -6.08 -5.71 4.61
C VAL A 209 -4.95 -5.16 3.72
N GLY A 210 -4.26 -6.07 3.04
CA GLY A 210 -3.16 -5.77 2.12
C GLY A 210 -2.14 -4.77 2.61
N PHE A 211 -1.30 -5.16 3.57
CA PHE A 211 -0.26 -4.29 4.11
C PHE A 211 0.76 -3.87 3.05
N GLY A 212 1.10 -4.79 2.16
CA GLY A 212 2.09 -4.52 1.12
C GLY A 212 3.46 -5.07 1.44
N ASP A 213 3.68 -5.56 2.67
CA ASP A 213 4.95 -6.16 3.09
C ASP A 213 5.26 -7.46 2.31
N PHE A 214 4.21 -8.17 1.89
CA PHE A 214 4.34 -9.39 1.11
C PHE A 214 3.40 -9.29 -0.09
N VAL A 215 3.96 -9.36 -1.30
CA VAL A 215 3.17 -9.28 -2.53
C VAL A 215 3.62 -10.43 -3.45
N ALA A 216 2.70 -11.29 -3.89
CA ALA A 216 3.05 -12.39 -4.78
C ALA A 216 3.31 -11.86 -6.18
N GLY A 217 4.48 -12.18 -6.72
CA GLY A 217 4.87 -11.73 -8.04
C GLY A 217 5.61 -10.41 -8.04
N GLY A 218 6.28 -10.09 -6.93
CA GLY A 218 7.01 -8.85 -6.81
C GLY A 218 8.51 -8.97 -6.60
N ASN A 219 9.05 -10.19 -6.66
CA ASN A 219 10.48 -10.41 -6.47
C ASN A 219 11.22 -10.41 -7.80
N ALA A 220 12.14 -9.46 -7.98
CA ALA A 220 12.94 -9.34 -9.20
C ALA A 220 13.89 -10.51 -9.42
N GLY A 221 14.41 -11.08 -8.33
CA GLY A 221 15.33 -12.20 -8.39
C GLY A 221 14.70 -13.53 -8.77
N ILE A 222 13.36 -13.59 -8.81
CA ILE A 222 12.67 -14.82 -9.19
C ILE A 222 12.03 -14.69 -10.56
N ASN A 223 12.35 -15.61 -11.46
CA ASN A 223 11.78 -15.61 -12.80
C ASN A 223 10.45 -16.35 -12.73
N TYR A 224 9.33 -15.61 -12.69
CA TYR A 224 8.00 -16.23 -12.59
C TYR A 224 7.55 -16.85 -13.89
N ARG A 225 6.83 -17.97 -13.81
CA ARG A 225 6.31 -18.64 -14.99
C ARG A 225 5.12 -17.88 -15.61
N GLU A 226 4.79 -18.19 -16.87
CA GLU A 226 3.69 -17.57 -17.62
C GLU A 226 2.32 -17.74 -16.94
N TRP A 227 2.09 -18.88 -16.29
CA TRP A 227 0.83 -19.17 -15.63
C TRP A 227 0.71 -18.57 -14.23
N TYR A 228 1.82 -18.14 -13.61
CA TYR A 228 1.82 -17.63 -12.25
C TYR A 228 0.97 -16.37 -12.04
N LYS A 229 1.22 -15.27 -12.78
CA LYS A 229 0.46 -14.03 -12.62
C LYS A 229 -1.07 -14.23 -12.78
N PRO A 230 -1.58 -14.91 -13.84
CA PRO A 230 -3.04 -15.11 -13.93
C PRO A 230 -3.60 -16.05 -12.87
N LEU A 231 -2.80 -16.99 -12.35
CA LEU A 231 -3.26 -17.91 -11.30
C LEU A 231 -3.51 -17.15 -10.01
N VAL A 232 -2.58 -16.26 -9.62
CA VAL A 232 -2.72 -15.44 -8.42
C VAL A 232 -3.92 -14.48 -8.57
N TRP A 233 -4.12 -13.95 -9.79
CA TRP A 233 -5.23 -13.06 -10.12
C TRP A 233 -6.57 -13.77 -9.91
N PHE A 234 -6.68 -15.03 -10.37
CA PHE A 234 -7.89 -15.82 -10.22
C PHE A 234 -8.10 -16.29 -8.78
N TRP A 235 -7.01 -16.55 -8.05
CA TRP A 235 -7.10 -16.96 -6.67
C TRP A 235 -7.61 -15.81 -5.81
N ILE A 236 -7.13 -14.58 -6.07
CA ILE A 236 -7.60 -13.41 -5.31
C ILE A 236 -9.08 -13.18 -5.59
N LEU A 237 -9.47 -13.19 -6.88
CA LEU A 237 -10.84 -12.98 -7.32
C LEU A 237 -11.88 -13.88 -6.63
N VAL A 238 -11.71 -15.22 -6.68
CA VAL A 238 -12.68 -16.13 -6.06
C VAL A 238 -12.44 -16.32 -4.54
N GLY A 239 -11.19 -16.17 -4.11
CA GLY A 239 -10.82 -16.31 -2.71
C GLY A 239 -11.40 -15.23 -1.82
N LEU A 240 -11.64 -14.03 -2.38
CA LEU A 240 -12.24 -12.93 -1.62
C LEU A 240 -13.68 -13.27 -1.24
N ALA A 241 -14.42 -13.91 -2.16
CA ALA A 241 -15.81 -14.32 -1.94
C ALA A 241 -15.90 -15.39 -0.86
N TYR A 242 -14.97 -16.37 -0.87
CA TYR A 242 -14.94 -17.42 0.14
C TYR A 242 -14.65 -16.80 1.50
N PHE A 243 -13.67 -15.88 1.58
CA PHE A 243 -13.32 -15.25 2.84
C PHE A 243 -14.41 -14.34 3.36
N ALA A 244 -15.17 -13.69 2.46
CA ALA A 244 -16.29 -12.84 2.88
C ALA A 244 -17.42 -13.69 3.50
N ALA A 245 -17.62 -14.89 2.95
CA ALA A 245 -18.64 -15.82 3.45
C ALA A 245 -18.20 -16.40 4.79
N VAL A 246 -16.90 -16.68 4.96
CA VAL A 246 -16.36 -17.21 6.21
C VAL A 246 -16.41 -16.14 7.30
N LEU A 247 -16.01 -14.90 6.98
CA LEU A 247 -16.06 -13.81 7.94
C LEU A 247 -17.49 -13.50 8.39
N SER A 248 -18.48 -13.76 7.50
CA SER A 248 -19.89 -13.58 7.83
C SER A 248 -20.32 -14.65 8.85
N MET A 249 -19.85 -15.90 8.66
CA MET A 249 -20.12 -17.03 9.56
C MET A 249 -19.48 -16.82 10.91
N ILE A 250 -18.28 -16.21 10.95
CA ILE A 250 -17.59 -15.90 12.19
C ILE A 250 -18.39 -14.86 12.99
N GLY A 251 -18.98 -13.88 12.29
CA GLY A 251 -19.82 -12.87 12.91
C GLY A 251 -21.06 -13.47 13.54
N ASP A 252 -21.61 -14.50 12.89
CA ASP A 252 -22.78 -15.23 13.39
C ASP A 252 -22.41 -16.01 14.65
N TRP A 253 -21.23 -16.63 14.67
CA TRP A 253 -20.71 -17.37 15.82
C TRP A 253 -20.52 -16.44 17.02
N LEU A 254 -20.10 -15.19 16.78
CA LEU A 254 -19.94 -14.18 17.83
C LEU A 254 -21.31 -13.72 18.36
N ARG A 255 -22.33 -13.66 17.49
CA ARG A 255 -23.69 -13.32 17.89
C ARG A 255 -24.31 -14.45 18.72
N VAL A 256 -23.98 -15.72 18.39
CA VAL A 256 -24.44 -16.90 19.13
C VAL A 256 -23.76 -16.90 20.51
N LEU A 257 -22.46 -16.57 20.57
CA LEU A 257 -21.73 -16.48 21.83
C LEU A 257 -22.31 -15.40 22.76
N SER A 258 -22.87 -14.34 22.17
CA SER A 258 -23.49 -13.24 22.91
C SER A 258 -24.76 -13.71 23.60
N LYS A 259 -25.55 -14.58 22.95
CA LYS A 259 -26.78 -15.09 23.59
C LYS A 259 -26.45 -16.06 24.73
N LYS A 260 -25.34 -16.81 24.62
CA LYS A 260 -24.91 -17.74 25.66
C LYS A 260 -24.41 -16.97 26.87
N MET B 1 -25.75 -17.28 -13.17
CA MET B 1 -24.82 -17.91 -14.10
C MET B 1 -24.48 -16.98 -15.25
N LYS B 2 -25.50 -16.36 -15.86
CA LYS B 2 -25.28 -15.42 -16.97
C LYS B 2 -25.00 -14.02 -16.45
N THR B 3 -25.64 -13.63 -15.34
CA THR B 3 -25.46 -12.32 -14.71
C THR B 3 -24.04 -12.18 -14.16
N VAL B 4 -23.50 -13.26 -13.57
CA VAL B 4 -22.16 -13.25 -13.01
C VAL B 4 -21.09 -13.14 -14.09
N VAL B 5 -21.33 -13.75 -15.26
CA VAL B 5 -20.38 -13.66 -16.38
C VAL B 5 -20.42 -12.25 -16.98
N ALA B 6 -21.62 -11.65 -17.09
CA ALA B 6 -21.79 -10.29 -17.60
C ALA B 6 -21.04 -9.28 -16.76
N ILE B 7 -21.14 -9.36 -15.42
CA ILE B 7 -20.44 -8.44 -14.53
C ILE B 7 -18.93 -8.69 -14.56
N PHE B 8 -18.50 -9.93 -14.77
CA PHE B 8 -17.07 -10.27 -14.86
C PHE B 8 -16.46 -9.61 -16.10
N VAL B 9 -17.19 -9.61 -17.22
CA VAL B 9 -16.71 -8.98 -18.46
C VAL B 9 -16.59 -7.47 -18.25
N VAL B 10 -17.58 -6.86 -17.60
CA VAL B 10 -17.56 -5.43 -17.30
C VAL B 10 -16.39 -5.08 -16.40
N VAL B 11 -16.12 -5.88 -15.36
CA VAL B 11 -15.00 -5.66 -14.44
C VAL B 11 -13.65 -5.81 -15.16
N VAL B 12 -13.50 -6.82 -16.02
CA VAL B 12 -12.25 -7.00 -16.77
C VAL B 12 -12.00 -5.82 -17.72
N VAL B 13 -13.06 -5.33 -18.39
CA VAL B 13 -12.96 -4.18 -19.28
C VAL B 13 -12.59 -2.92 -18.48
N TYR B 14 -13.20 -2.75 -17.30
CA TYR B 14 -12.94 -1.64 -16.39
C TYR B 14 -11.48 -1.67 -15.89
N LEU B 15 -10.92 -2.87 -15.70
CA LEU B 15 -9.54 -3.07 -15.26
C LEU B 15 -8.55 -2.79 -16.38
N VAL B 16 -8.86 -3.21 -17.60
CA VAL B 16 -7.99 -2.98 -18.76
C VAL B 16 -7.99 -1.49 -19.12
N THR B 17 -9.17 -0.86 -19.09
CA THR B 17 -9.32 0.58 -19.35
C THR B 17 -8.54 1.38 -18.30
N GLY B 18 -8.70 0.99 -17.03
CA GLY B 18 -8.02 1.62 -15.92
C GLY B 18 -6.51 1.47 -16.01
N GLY B 19 -6.05 0.30 -16.45
CA GLY B 19 -4.63 0.03 -16.65
C GLY B 19 -4.03 0.89 -17.74
N LEU B 20 -4.80 1.12 -18.82
CA LEU B 20 -4.37 1.94 -19.94
C LEU B 20 -4.31 3.42 -19.52
N VAL B 21 -5.27 3.87 -18.71
CA VAL B 21 -5.32 5.25 -18.24
C VAL B 21 -4.21 5.53 -17.22
N PHE B 22 -4.03 4.64 -16.23
CA PHE B 22 -2.99 4.80 -15.22
C PHE B 22 -1.58 4.73 -15.82
N ARG B 23 -1.40 3.94 -16.90
CA ARG B 23 -0.10 3.85 -17.57
C ARG B 23 0.19 5.16 -18.29
N ALA B 24 -0.81 5.70 -19.00
CA ALA B 24 -0.65 6.95 -19.73
C ALA B 24 -0.43 8.14 -18.79
N LEU B 25 -1.03 8.10 -17.59
CA LEU B 25 -0.90 9.19 -16.62
C LEU B 25 0.34 9.09 -15.75
N GLU B 26 0.96 7.90 -15.64
CA GLU B 26 2.10 7.73 -14.74
C GLU B 26 3.43 7.32 -15.38
N GLN B 27 3.41 6.42 -16.38
CA GLN B 27 4.64 5.93 -16.99
C GLN B 27 5.54 7.02 -17.60
N PRO B 28 5.03 8.04 -18.34
CA PRO B 28 5.95 9.06 -18.88
C PRO B 28 6.63 9.89 -17.79
N PHE B 29 5.95 10.11 -16.65
CA PHE B 29 6.55 10.85 -15.54
C PHE B 29 7.55 9.96 -14.81
N GLU B 30 7.24 8.67 -14.64
CA GLU B 30 8.15 7.72 -13.99
C GLU B 30 9.44 7.58 -14.80
N SER B 31 9.31 7.53 -16.14
CA SER B 31 10.46 7.42 -17.05
C SER B 31 11.33 8.69 -17.01
N SER B 32 10.69 9.84 -16.81
CA SER B 32 11.36 11.13 -16.71
C SER B 32 12.12 11.18 -15.39
N GLN B 33 11.51 10.73 -14.29
CA GLN B 33 12.15 10.73 -12.97
C GLN B 33 13.28 9.71 -12.88
N LYS B 34 13.16 8.58 -13.57
CA LYS B 34 14.19 7.55 -13.55
C LYS B 34 15.45 8.03 -14.25
N ASN B 35 15.30 8.65 -15.43
CA ASN B 35 16.45 9.17 -16.16
C ASN B 35 17.03 10.42 -15.51
N THR B 36 16.18 11.21 -14.83
CA THR B 36 16.61 12.43 -14.13
C THR B 36 17.59 12.12 -13.02
N ILE B 37 17.25 11.20 -12.11
CA ILE B 37 18.16 10.82 -11.03
C ILE B 37 19.37 10.03 -11.56
N ALA B 38 19.22 9.34 -12.70
CA ALA B 38 20.31 8.58 -13.31
C ALA B 38 21.39 9.52 -13.84
N LEU B 39 21.00 10.65 -14.44
CA LEU B 39 21.97 11.62 -14.94
C LEU B 39 22.66 12.34 -13.79
N GLU B 40 21.93 12.64 -12.72
CA GLU B 40 22.50 13.29 -11.54
C GLU B 40 23.49 12.35 -10.85
N LYS B 41 23.21 11.04 -10.83
CA LYS B 41 24.11 10.03 -10.25
C LYS B 41 25.36 9.86 -11.10
N ALA B 42 25.21 9.87 -12.44
CA ALA B 42 26.34 9.73 -13.37
C ALA B 42 27.28 10.94 -13.28
N GLU B 43 26.71 12.14 -13.08
CA GLU B 43 27.50 13.35 -12.92
C GLU B 43 28.19 13.37 -11.56
N PHE B 44 27.52 12.85 -10.52
CA PHE B 44 28.06 12.76 -9.16
C PHE B 44 29.32 11.89 -9.17
N LEU B 45 29.29 10.79 -9.94
CA LEU B 45 30.44 9.88 -10.04
C LEU B 45 31.65 10.50 -10.74
N ARG B 46 31.43 11.41 -11.70
CA ARG B 46 32.54 12.09 -12.38
C ARG B 46 33.05 13.30 -11.56
N ASP B 47 32.19 13.89 -10.72
CA ASP B 47 32.58 14.99 -9.83
C ASP B 47 33.30 14.45 -8.58
N HIS B 48 32.93 13.26 -8.11
CA HIS B 48 33.51 12.63 -6.94
C HIS B 48 34.12 11.30 -7.35
N VAL B 49 35.39 11.34 -7.77
CA VAL B 49 36.15 10.20 -8.26
C VAL B 49 36.49 9.17 -7.17
N CYS B 50 36.56 9.61 -5.91
CA CYS B 50 36.87 8.71 -4.78
C CYS B 50 35.77 7.66 -4.51
N VAL B 51 34.56 7.87 -5.05
CA VAL B 51 33.43 6.95 -4.88
C VAL B 51 33.24 6.15 -6.17
N SER B 52 33.02 4.85 -6.05
CA SER B 52 32.78 3.99 -7.21
C SER B 52 31.26 3.79 -7.43
N PRO B 53 30.84 3.43 -8.66
CA PRO B 53 29.39 3.28 -8.93
C PRO B 53 28.61 2.38 -7.97
N GLN B 54 29.17 1.23 -7.56
CA GLN B 54 28.48 0.33 -6.64
C GLN B 54 28.39 0.92 -5.24
N GLU B 55 29.46 1.61 -4.81
CA GLU B 55 29.53 2.23 -3.49
C GLU B 55 28.43 3.27 -3.34
N LEU B 56 28.19 4.08 -4.39
CA LEU B 56 27.17 5.10 -4.37
C LEU B 56 25.77 4.47 -4.41
N GLU B 57 25.55 3.50 -5.31
CA GLU B 57 24.25 2.84 -5.42
C GLU B 57 23.85 2.07 -4.15
N THR B 58 24.83 1.64 -3.35
CA THR B 58 24.54 0.96 -2.10
C THR B 58 23.96 1.93 -1.07
N LEU B 59 24.55 3.13 -0.96
CA LEU B 59 24.07 4.13 -0.01
C LEU B 59 22.73 4.70 -0.45
N ILE B 60 22.57 4.96 -1.76
CA ILE B 60 21.32 5.50 -2.29
C ILE B 60 20.18 4.49 -2.09
N GLN B 61 20.44 3.20 -2.34
CA GLN B 61 19.43 2.18 -2.15
C GLN B 61 19.02 2.08 -0.67
N HIS B 62 20.01 2.14 0.23
CA HIS B 62 19.74 2.08 1.66
C HIS B 62 19.02 3.33 2.18
N ALA B 63 19.25 4.50 1.54
CA ALA B 63 18.54 5.72 1.91
C ALA B 63 17.05 5.57 1.59
N LEU B 64 16.73 4.92 0.46
CA LEU B 64 15.36 4.65 0.03
C LEU B 64 14.70 3.63 0.95
N ASP B 65 15.46 2.61 1.39
CA ASP B 65 14.97 1.56 2.28
C ASP B 65 14.62 2.13 3.64
N ALA B 66 15.40 3.10 4.14
CA ALA B 66 15.13 3.72 5.43
C ALA B 66 13.94 4.65 5.34
N ASP B 67 13.81 5.40 4.24
CA ASP B 67 12.72 6.35 4.04
C ASP B 67 11.38 5.65 3.93
N ASN B 68 11.33 4.53 3.21
CA ASN B 68 10.09 3.77 3.06
C ASN B 68 9.70 3.01 4.35
N ALA B 69 10.64 2.84 5.28
CA ALA B 69 10.40 2.21 6.58
C ALA B 69 10.10 3.24 7.70
N GLY B 70 10.00 4.53 7.36
CA GLY B 70 9.68 5.57 8.34
C GLY B 70 10.83 6.39 8.87
N VAL B 71 12.08 5.94 8.68
CA VAL B 71 13.24 6.67 9.18
C VAL B 71 13.78 7.60 8.10
N SER B 72 13.76 8.92 8.35
CA SER B 72 14.26 9.88 7.38
C SER B 72 15.77 9.83 7.24
N PRO B 73 16.28 9.75 6.00
CA PRO B 73 17.73 9.73 5.80
C PRO B 73 18.38 11.13 5.76
N ILE B 74 17.60 12.19 6.03
CA ILE B 74 18.05 13.57 6.02
C ILE B 74 18.26 14.05 7.46
N GLY B 75 19.38 14.70 7.71
CA GLY B 75 19.73 15.18 9.04
C GLY B 75 20.78 14.32 9.71
N GLN B 76 21.30 14.77 10.87
CA GLN B 76 22.32 14.01 11.58
C GLN B 76 21.77 12.65 12.08
N SER B 77 21.11 12.59 13.26
CA SER B 77 20.56 11.34 13.75
C SER B 77 19.05 11.49 13.91
N SER B 78 18.28 10.50 13.44
CA SER B 78 16.82 10.56 13.53
C SER B 78 16.24 9.84 14.74
N GLN B 79 17.03 8.96 15.40
CA GLN B 79 16.63 8.16 16.57
C GLN B 79 15.56 7.09 16.26
N GLN B 80 14.91 7.16 15.08
CA GLN B 80 13.90 6.23 14.59
C GLN B 80 12.61 6.16 15.43
N SER B 81 12.56 6.88 16.57
CA SER B 81 11.42 6.90 17.49
C SER B 81 10.93 5.46 17.84
N SER B 82 9.63 5.13 17.72
CA SER B 82 9.15 3.79 18.00
C SER B 82 7.85 3.51 17.27
N HIS B 83 7.84 2.49 16.41
CA HIS B 83 6.64 2.08 15.69
C HIS B 83 5.73 1.17 16.53
N TRP B 84 6.26 0.54 17.59
CA TRP B 84 5.49 -0.35 18.42
C TRP B 84 5.22 0.12 19.85
N ASP B 85 5.22 1.45 20.08
CA ASP B 85 4.84 1.96 21.41
C ASP B 85 3.31 1.82 21.54
N LEU B 86 2.80 1.64 22.78
CA LEU B 86 1.37 1.42 23.05
C LEU B 86 0.39 2.25 22.19
N GLY B 87 0.71 3.52 21.97
CA GLY B 87 -0.11 4.39 21.15
C GLY B 87 -0.18 3.93 19.71
N SER B 88 0.98 3.79 19.05
CA SER B 88 1.06 3.35 17.66
C SER B 88 0.61 1.88 17.46
N ALA B 89 0.75 1.06 18.51
CA ALA B 89 0.33 -0.34 18.46
C ALA B 89 -1.20 -0.43 18.47
N PHE B 90 -1.88 0.49 19.18
CA PHE B 90 -3.33 0.60 19.22
C PHE B 90 -3.84 1.02 17.85
N PHE B 91 -3.15 1.98 17.20
CA PHE B 91 -3.52 2.45 15.87
C PHE B 91 -3.27 1.36 14.82
N PHE B 92 -2.21 0.55 15.00
CA PHE B 92 -1.92 -0.55 14.07
C PHE B 92 -3.06 -1.58 14.17
N ALA B 93 -3.52 -1.89 15.39
CA ALA B 93 -4.62 -2.83 15.61
C ALA B 93 -5.90 -2.39 14.86
N GLY B 94 -6.10 -1.08 14.76
CA GLY B 94 -7.23 -0.50 14.06
C GLY B 94 -7.12 -0.68 12.56
N THR B 95 -5.92 -0.45 11.99
CA THR B 95 -5.71 -0.64 10.54
C THR B 95 -5.96 -2.10 10.09
N VAL B 96 -5.99 -3.05 11.03
CA VAL B 96 -6.24 -4.44 10.73
C VAL B 96 -7.74 -4.73 10.68
N ILE B 97 -8.48 -4.44 11.76
CA ILE B 97 -9.91 -4.72 11.83
C ILE B 97 -10.75 -3.88 10.88
N THR B 98 -10.28 -2.67 10.56
CA THR B 98 -10.99 -1.79 9.63
C THR B 98 -10.72 -2.18 8.16
N THR B 99 -9.72 -3.05 7.89
CA THR B 99 -9.24 -3.53 6.58
C THR B 99 -8.55 -2.44 5.76
N ILE B 100 -8.15 -1.32 6.39
CA ILE B 100 -7.46 -0.25 5.70
C ILE B 100 -6.04 -0.74 5.35
N GLY B 101 -5.34 -1.26 6.36
CA GLY B 101 -4.01 -1.82 6.23
C GLY B 101 -3.01 -0.99 5.45
N TYR B 102 -2.61 0.17 6.02
CA TYR B 102 -1.64 1.07 5.38
C TYR B 102 -0.32 0.34 5.11
N GLY B 103 0.11 -0.45 6.06
CA GLY B 103 1.37 -1.19 5.93
C GLY B 103 2.59 -0.39 6.37
N ASN B 104 2.40 0.81 6.94
CA ASN B 104 3.52 1.60 7.46
C ASN B 104 4.13 0.93 8.71
N ILE B 105 3.27 0.27 9.51
CA ILE B 105 3.65 -0.52 10.67
C ILE B 105 3.13 -1.94 10.36
N ALA B 106 4.00 -2.95 10.46
CA ALA B 106 3.62 -4.32 10.17
C ALA B 106 4.46 -5.30 10.99
N PRO B 107 3.89 -6.45 11.38
CA PRO B 107 4.65 -7.39 12.22
C PRO B 107 5.82 -8.08 11.53
N SER B 108 7.00 -7.97 12.14
CA SER B 108 8.24 -8.59 11.66
C SER B 108 8.43 -9.95 12.34
N THR B 109 8.10 -10.05 13.64
CA THR B 109 8.27 -11.28 14.41
C THR B 109 7.27 -12.37 14.04
N GLU B 110 7.61 -13.63 14.36
CA GLU B 110 6.74 -14.76 14.08
C GLU B 110 5.48 -14.71 14.94
N GLY B 111 5.65 -14.33 16.21
CA GLY B 111 4.54 -14.21 17.15
C GLY B 111 3.52 -13.16 16.72
N GLY B 112 4.02 -12.09 16.12
CA GLY B 112 3.16 -11.01 15.62
C GLY B 112 2.36 -11.41 14.40
N LYS B 113 2.96 -12.21 13.50
CA LYS B 113 2.29 -12.70 12.30
C LYS B 113 1.19 -13.69 12.66
N ILE B 114 1.45 -14.59 13.63
CA ILE B 114 0.48 -15.59 14.07
C ILE B 114 -0.70 -14.88 14.73
N PHE B 115 -0.40 -13.91 15.61
CA PHE B 115 -1.45 -13.17 16.30
C PHE B 115 -2.23 -12.28 15.34
N CYS B 116 -1.59 -11.77 14.28
CA CYS B 116 -2.26 -10.91 13.30
C CYS B 116 -3.28 -11.69 12.47
N ILE B 117 -2.99 -12.95 12.16
CA ILE B 117 -3.90 -13.81 11.40
C ILE B 117 -5.20 -14.01 12.19
N LEU B 118 -5.08 -14.39 13.46
CA LEU B 118 -6.24 -14.60 14.33
C LEU B 118 -6.95 -13.29 14.67
N TYR B 119 -6.19 -12.20 14.77
CA TYR B 119 -6.73 -10.87 15.08
C TYR B 119 -7.64 -10.36 13.96
N ALA B 120 -7.29 -10.65 12.70
CA ALA B 120 -8.10 -10.23 11.56
C ALA B 120 -9.30 -11.16 11.31
N ILE B 121 -9.15 -12.45 11.64
CA ILE B 121 -10.22 -13.44 11.45
C ILE B 121 -11.40 -13.16 12.40
N PHE B 122 -11.12 -12.74 13.64
CA PHE B 122 -12.17 -12.45 14.61
C PHE B 122 -12.48 -10.96 14.79
N GLY B 123 -11.51 -10.09 14.46
CA GLY B 123 -11.67 -8.66 14.63
C GLY B 123 -12.39 -7.94 13.51
N ILE B 124 -12.18 -8.36 12.26
CA ILE B 124 -12.85 -7.75 11.12
C ILE B 124 -14.38 -7.91 11.22
N PRO B 125 -14.93 -9.12 11.50
CA PRO B 125 -16.40 -9.23 11.66
C PRO B 125 -16.91 -8.48 12.89
N LEU B 126 -16.09 -8.38 13.95
CA LEU B 126 -16.42 -7.65 15.18
C LEU B 126 -16.54 -6.15 14.87
N PHE B 127 -15.64 -5.62 14.05
CA PHE B 127 -15.69 -4.21 13.64
C PHE B 127 -16.89 -3.93 12.72
N GLY B 128 -17.27 -4.92 11.92
CA GLY B 128 -18.41 -4.85 11.02
C GLY B 128 -19.71 -4.65 11.75
N PHE B 129 -19.86 -5.19 12.98
CA PHE B 129 -21.08 -4.97 13.78
C PHE B 129 -21.11 -3.55 14.31
N LEU B 130 -19.94 -3.00 14.68
CA LEU B 130 -19.82 -1.63 15.14
C LEU B 130 -20.13 -0.68 13.98
N LEU B 131 -19.68 -1.01 12.77
CA LEU B 131 -19.95 -0.18 11.59
C LEU B 131 -21.44 -0.22 11.22
N ALA B 132 -22.09 -1.38 11.40
CA ALA B 132 -23.53 -1.52 11.16
C ALA B 132 -24.32 -0.74 12.22
N GLY B 133 -23.84 -0.72 13.46
CA GLY B 133 -24.43 0.02 14.56
C GLY B 133 -24.30 1.52 14.35
N ILE B 134 -23.13 1.96 13.86
CA ILE B 134 -22.89 3.38 13.59
C ILE B 134 -23.74 3.88 12.41
N GLY B 135 -23.89 3.04 11.39
CA GLY B 135 -24.73 3.34 10.24
C GLY B 135 -26.20 3.45 10.61
N ASP B 136 -26.62 2.63 11.59
CA ASP B 136 -27.97 2.64 12.11
C ASP B 136 -28.19 3.85 13.01
N GLN B 137 -27.19 4.22 13.81
CA GLN B 137 -27.21 5.38 14.69
C GLN B 137 -27.30 6.66 13.85
N LEU B 138 -26.58 6.71 12.70
CA LEU B 138 -26.60 7.86 11.81
C LEU B 138 -27.95 7.97 11.10
N GLY B 139 -28.51 6.83 10.70
CA GLY B 139 -29.79 6.78 10.02
C GLY B 139 -30.94 7.15 10.93
N THR B 140 -30.87 6.75 12.21
CA THR B 140 -31.90 7.06 13.19
C THR B 140 -31.85 8.54 13.58
N ILE B 141 -30.63 9.11 13.72
CA ILE B 141 -30.45 10.53 14.03
C ILE B 141 -30.97 11.39 12.87
N PHE B 142 -30.61 11.01 11.62
CA PHE B 142 -31.09 11.72 10.43
C PHE B 142 -32.59 11.52 10.18
N GLY B 143 -33.13 10.39 10.60
CA GLY B 143 -34.56 10.12 10.49
C GLY B 143 -35.37 10.94 11.47
N LYS B 144 -34.81 11.19 12.68
CA LYS B 144 -35.45 12.01 13.70
C LYS B 144 -35.45 13.48 13.28
N SER B 145 -34.36 13.94 12.66
CA SER B 145 -34.24 15.32 12.21
C SER B 145 -35.20 15.61 11.05
N ILE B 146 -35.46 14.61 10.19
CA ILE B 146 -36.40 14.80 9.09
C ILE B 146 -37.86 14.72 9.59
N ALA B 147 -38.13 13.87 10.60
CA ALA B 147 -39.46 13.73 11.19
C ALA B 147 -39.88 14.98 11.97
N ARG B 148 -38.90 15.72 12.53
CA ARG B 148 -39.17 16.97 13.25
C ARG B 148 -39.61 18.04 12.25
N VAL B 149 -38.99 18.07 11.06
CA VAL B 149 -39.30 19.01 9.99
C VAL B 149 -40.68 18.68 9.41
N GLU B 150 -40.97 17.39 9.20
CA GLU B 150 -42.28 16.97 8.68
C GLU B 150 -43.43 17.15 9.66
N LYS B 151 -43.13 17.34 10.96
CA LYS B 151 -44.14 17.60 11.99
C LYS B 151 -44.44 19.10 12.03
N VAL B 152 -43.41 19.95 11.93
CA VAL B 152 -43.62 21.40 11.94
C VAL B 152 -44.25 21.87 10.61
N PHE B 153 -43.96 21.18 9.50
CA PHE B 153 -44.52 21.52 8.20
C PHE B 153 -45.96 20.97 7.97
N ARG B 154 -46.47 20.16 8.91
CA ARG B 154 -47.81 19.57 8.90
C ARG B 154 -48.07 18.69 7.69
N LYS B 155 -47.08 17.87 7.31
CA LYS B 155 -47.23 16.95 6.18
C LYS B 155 -47.53 15.54 6.68
N LYS B 156 -48.65 14.98 6.23
CA LYS B 156 -49.08 13.65 6.64
C LYS B 156 -48.24 12.56 6.01
N GLN B 157 -47.63 11.68 6.83
CA GLN B 157 -46.78 10.61 6.31
C GLN B 157 -47.54 9.32 6.04
N VAL B 158 -47.73 8.99 4.76
CA VAL B 158 -48.40 7.75 4.37
C VAL B 158 -47.50 6.52 4.64
N SER B 159 -46.18 6.71 4.53
CA SER B 159 -45.16 5.69 4.76
C SER B 159 -43.81 6.36 5.03
N GLN B 160 -42.88 5.62 5.64
CA GLN B 160 -41.54 6.15 5.90
C GLN B 160 -40.63 6.16 4.66
N THR B 161 -41.21 6.12 3.46
CA THR B 161 -40.45 6.16 2.23
C THR B 161 -40.00 7.58 1.92
N LYS B 162 -40.84 8.58 2.20
CA LYS B 162 -40.50 9.99 1.96
C LYS B 162 -39.39 10.44 2.91
N ILE B 163 -39.41 9.96 4.16
CA ILE B 163 -38.39 10.27 5.16
C ILE B 163 -37.05 9.64 4.76
N ARG B 164 -37.10 8.42 4.21
CA ARG B 164 -35.93 7.69 3.75
C ARG B 164 -35.23 8.39 2.59
N VAL B 165 -35.99 8.98 1.65
CA VAL B 165 -35.40 9.68 0.51
C VAL B 165 -34.72 10.99 0.94
N ILE B 166 -35.44 11.83 1.69
CA ILE B 166 -34.90 13.11 2.17
C ILE B 166 -33.68 12.92 3.08
N SER B 167 -33.69 11.87 3.92
CA SER B 167 -32.55 11.61 4.80
C SER B 167 -31.33 11.10 4.05
N THR B 168 -31.50 10.37 2.92
CA THR B 168 -30.35 9.93 2.13
C THR B 168 -29.73 11.10 1.39
N ILE B 169 -30.53 12.05 0.90
CA ILE B 169 -30.00 13.22 0.19
C ILE B 169 -29.21 14.13 1.15
N LEU B 170 -29.81 14.46 2.29
CA LEU B 170 -29.15 15.29 3.31
C LEU B 170 -27.91 14.60 3.87
N PHE B 171 -27.94 13.26 3.98
CA PHE B 171 -26.84 12.47 4.52
C PHE B 171 -25.61 12.55 3.66
N ILE B 172 -25.75 12.40 2.34
CA ILE B 172 -24.60 12.45 1.44
C ILE B 172 -24.13 13.88 1.17
N LEU B 173 -25.00 14.89 1.35
CA LEU B 173 -24.58 16.29 1.17
C LEU B 173 -23.83 16.81 2.42
N ALA B 174 -24.47 16.66 3.60
CA ALA B 174 -23.88 17.10 4.85
C ALA B 174 -22.71 16.22 5.24
N GLY B 175 -22.79 14.92 4.99
CA GLY B 175 -21.72 13.98 5.30
C GLY B 175 -20.46 14.19 4.49
N CYS B 176 -20.59 14.78 3.31
CA CYS B 176 -19.43 15.08 2.46
C CYS B 176 -18.64 16.24 3.07
N ILE B 177 -19.31 17.20 3.69
CA ILE B 177 -18.65 18.34 4.32
C ILE B 177 -17.98 17.90 5.63
N VAL B 178 -18.70 17.12 6.44
CA VAL B 178 -18.24 16.64 7.73
C VAL B 178 -17.10 15.61 7.65
N PHE B 179 -17.19 14.62 6.74
CA PHE B 179 -16.18 13.57 6.67
C PHE B 179 -15.23 13.62 5.48
N VAL B 180 -15.45 14.50 4.49
CA VAL B 180 -14.56 14.57 3.32
C VAL B 180 -13.87 15.94 3.14
N THR B 181 -14.65 17.03 3.03
CA THR B 181 -14.14 18.37 2.79
C THR B 181 -13.42 18.99 4.01
N ILE B 182 -14.11 19.11 5.16
CA ILE B 182 -13.50 19.67 6.38
C ILE B 182 -12.24 18.90 6.80
N PRO B 183 -12.23 17.54 6.86
CA PRO B 183 -10.99 16.84 7.23
C PRO B 183 -9.83 17.15 6.30
N ALA B 184 -10.04 17.18 4.97
CA ALA B 184 -8.99 17.49 3.99
C ALA B 184 -8.37 18.87 4.21
N VAL B 185 -9.18 19.84 4.68
CA VAL B 185 -8.69 21.19 4.99
C VAL B 185 -7.74 21.14 6.20
N ILE B 186 -8.09 20.32 7.21
CA ILE B 186 -7.29 20.12 8.41
C ILE B 186 -5.98 19.41 8.05
N PHE B 187 -6.04 18.36 7.20
CA PHE B 187 -4.84 17.63 6.77
C PHE B 187 -3.89 18.51 5.96
N LYS B 188 -4.41 19.50 5.24
CA LYS B 188 -3.60 20.42 4.45
C LYS B 188 -2.79 21.34 5.37
N TYR B 189 -3.39 21.82 6.46
CA TYR B 189 -2.70 22.71 7.38
C TYR B 189 -1.76 21.94 8.33
N ILE B 190 -2.21 20.79 8.85
CA ILE B 190 -1.39 20.03 9.79
C ILE B 190 -0.25 19.27 9.10
N GLU B 191 -0.56 18.42 8.12
CA GLU B 191 0.45 17.63 7.44
C GLU B 191 1.27 18.39 6.40
N GLY B 192 0.73 19.49 5.90
CA GLY B 192 1.42 20.26 4.87
C GLY B 192 1.27 19.66 3.48
N TRP B 193 0.27 18.78 3.28
CA TRP B 193 0.01 18.16 1.99
C TRP B 193 -0.69 19.15 1.05
N THR B 194 -0.72 18.85 -0.26
CA THR B 194 -1.42 19.71 -1.21
C THR B 194 -2.94 19.47 -1.10
N ALA B 195 -3.77 20.34 -1.73
CA ALA B 195 -5.22 20.17 -1.71
C ALA B 195 -5.65 18.82 -2.32
N LEU B 196 -4.90 18.35 -3.32
CA LEU B 196 -5.18 17.08 -3.97
C LEU B 196 -4.69 15.92 -3.14
N GLU B 197 -3.48 16.02 -2.55
CA GLU B 197 -2.94 14.95 -1.72
C GLU B 197 -3.83 14.68 -0.51
N SER B 198 -4.40 15.74 0.07
CA SER B 198 -5.29 15.63 1.22
C SER B 198 -6.60 14.94 0.86
N ILE B 199 -7.20 15.30 -0.29
CA ILE B 199 -8.44 14.65 -0.72
C ILE B 199 -8.21 13.19 -1.18
N TYR B 200 -7.01 12.92 -1.73
CA TYR B 200 -6.60 11.59 -2.17
C TYR B 200 -6.41 10.67 -0.95
N PHE B 201 -5.95 11.22 0.19
CA PHE B 201 -5.78 10.46 1.42
C PHE B 201 -7.15 10.07 1.96
N VAL B 202 -8.10 11.01 1.99
CA VAL B 202 -9.46 10.77 2.50
C VAL B 202 -10.17 9.64 1.75
N VAL B 203 -10.17 9.69 0.41
CA VAL B 203 -10.82 8.67 -0.39
C VAL B 203 -10.16 7.31 -0.22
N VAL B 204 -8.83 7.25 -0.30
CA VAL B 204 -8.07 6.01 -0.13
C VAL B 204 -8.25 5.40 1.29
N THR B 205 -8.44 6.25 2.30
CA THR B 205 -8.65 5.80 3.69
C THR B 205 -10.08 5.32 3.93
N LEU B 206 -11.07 6.13 3.56
CA LEU B 206 -12.47 5.79 3.81
C LEU B 206 -13.02 4.69 2.90
N THR B 207 -12.36 4.42 1.76
CA THR B 207 -12.75 3.29 0.91
C THR B 207 -12.02 1.99 1.32
N THR B 208 -11.24 2.00 2.42
CA THR B 208 -10.44 0.91 2.99
C THR B 208 -9.34 0.42 2.03
N VAL B 209 -8.95 1.24 1.05
CA VAL B 209 -7.86 0.86 0.14
C VAL B 209 -6.55 0.90 0.90
N GLY B 210 -6.29 2.04 1.56
CA GLY B 210 -5.11 2.28 2.39
C GLY B 210 -3.78 1.85 1.79
N PHE B 211 -3.30 2.58 0.78
CA PHE B 211 -2.02 2.28 0.14
C PHE B 211 -0.85 2.39 1.12
N GLY B 212 -0.91 3.38 2.00
CA GLY B 212 0.16 3.62 2.95
C GLY B 212 1.11 4.74 2.55
N ASP B 213 0.97 5.25 1.31
CA ASP B 213 1.79 6.36 0.82
C ASP B 213 1.52 7.66 1.59
N PHE B 214 0.29 7.82 2.11
CA PHE B 214 -0.10 8.97 2.91
C PHE B 214 -0.79 8.47 4.18
N VAL B 215 -0.24 8.81 5.34
CA VAL B 215 -0.82 8.40 6.62
C VAL B 215 -0.85 9.63 7.54
N ALA B 216 -2.02 9.99 8.07
CA ALA B 216 -2.13 11.14 8.96
C ALA B 216 -1.54 10.80 10.33
N GLY B 217 -0.60 11.62 10.78
CA GLY B 217 0.06 11.41 12.06
C GLY B 217 1.29 10.53 11.98
N GLY B 218 1.94 10.52 10.82
CA GLY B 218 3.14 9.69 10.62
C GLY B 218 4.41 10.44 10.30
N ASN B 219 4.39 11.78 10.37
CA ASN B 219 5.58 12.57 10.09
C ASN B 219 6.32 12.90 11.39
N ALA B 220 7.58 12.42 11.50
CA ALA B 220 8.41 12.64 12.68
C ALA B 220 8.80 14.11 12.87
N GLY B 221 8.96 14.83 11.76
CA GLY B 221 9.32 16.24 11.79
C GLY B 221 8.21 17.18 12.22
N ILE B 222 6.97 16.66 12.33
CA ILE B 222 5.81 17.46 12.74
C ILE B 222 5.37 17.14 14.15
N ASN B 223 5.36 18.15 15.04
CA ASN B 223 4.90 17.97 16.41
C ASN B 223 3.38 18.06 16.42
N TYR B 224 2.68 16.90 16.45
CA TYR B 224 1.23 16.88 16.43
C TYR B 224 0.63 17.25 17.79
N ARG B 225 -0.50 17.95 17.77
CA ARG B 225 -1.19 18.36 19.00
C ARG B 225 -1.86 17.17 19.70
N GLU B 226 -2.19 17.34 20.99
CA GLU B 226 -2.83 16.32 21.85
C GLU B 226 -4.17 15.83 21.29
N TRP B 227 -4.95 16.74 20.69
CA TRP B 227 -6.26 16.41 20.13
C TRP B 227 -6.22 15.78 18.74
N TYR B 228 -5.09 15.86 18.04
CA TYR B 228 -4.98 15.39 16.66
C TYR B 228 -5.17 13.87 16.48
N LYS B 229 -4.41 13.04 17.22
CA LYS B 229 -4.53 11.58 17.10
C LYS B 229 -5.96 11.09 17.38
N PRO B 230 -6.63 11.48 18.49
CA PRO B 230 -8.01 11.00 18.72
C PRO B 230 -9.03 11.55 17.71
N LEU B 231 -8.78 12.74 17.12
CA LEU B 231 -9.69 13.32 16.14
C LEU B 231 -9.68 12.51 14.86
N VAL B 232 -8.47 12.12 14.39
CA VAL B 232 -8.30 11.29 13.19
C VAL B 232 -8.92 9.90 13.44
N TRP B 233 -8.76 9.36 14.66
CA TRP B 233 -9.32 8.07 15.07
C TRP B 233 -10.84 8.09 14.98
N PHE B 234 -11.49 9.17 15.46
CA PHE B 234 -12.93 9.31 15.40
C PHE B 234 -13.42 9.58 13.98
N TRP B 235 -12.61 10.27 13.17
CA TRP B 235 -12.94 10.57 11.77
C TRP B 235 -12.93 9.27 10.95
N ILE B 236 -11.97 8.38 11.21
CA ILE B 236 -11.90 7.11 10.49
C ILE B 236 -13.09 6.24 10.89
N LEU B 237 -13.34 6.11 12.19
CA LEU B 237 -14.44 5.32 12.75
C LEU B 237 -15.82 5.63 12.15
N VAL B 238 -16.22 6.91 12.13
CA VAL B 238 -17.52 7.30 11.60
C VAL B 238 -17.48 7.50 10.08
N GLY B 239 -16.36 8.02 9.57
CA GLY B 239 -16.15 8.25 8.16
C GLY B 239 -16.15 6.99 7.32
N LEU B 240 -15.76 5.85 7.92
CA LEU B 240 -15.79 4.56 7.24
C LEU B 240 -17.25 4.15 7.02
N ALA B 241 -18.11 4.36 8.04
CA ALA B 241 -19.54 4.07 7.96
C ALA B 241 -20.25 5.03 7.01
N TYR B 242 -19.74 6.26 6.84
CA TYR B 242 -20.33 7.20 5.90
C TYR B 242 -20.02 6.77 4.47
N PHE B 243 -18.74 6.46 4.21
CA PHE B 243 -18.32 6.05 2.87
C PHE B 243 -18.89 4.70 2.47
N ALA B 244 -19.09 3.80 3.44
CA ALA B 244 -19.69 2.50 3.15
C ALA B 244 -21.16 2.67 2.75
N ALA B 245 -21.86 3.66 3.33
CA ALA B 245 -23.24 3.93 2.99
C ALA B 245 -23.36 4.56 1.60
N VAL B 246 -22.43 5.46 1.25
CA VAL B 246 -22.42 6.11 -0.06
C VAL B 246 -22.08 5.08 -1.14
N LEU B 247 -21.05 4.25 -0.90
CA LEU B 247 -20.65 3.20 -1.85
C LEU B 247 -21.75 2.14 -2.03
N SER B 248 -22.60 1.92 -1.02
CA SER B 248 -23.73 1.00 -1.10
C SER B 248 -24.77 1.57 -2.05
N MET B 249 -25.03 2.90 -1.99
CA MET B 249 -25.98 3.58 -2.88
C MET B 249 -25.48 3.55 -4.33
N ILE B 250 -24.17 3.69 -4.53
CA ILE B 250 -23.57 3.63 -5.86
C ILE B 250 -23.74 2.22 -6.46
N GLY B 251 -23.59 1.19 -5.61
CA GLY B 251 -23.78 -0.19 -6.00
C GLY B 251 -25.19 -0.47 -6.44
N ASP B 252 -26.17 0.18 -5.78
CA ASP B 252 -27.59 0.08 -6.13
C ASP B 252 -27.84 0.71 -7.48
N TRP B 253 -27.22 1.86 -7.74
CA TRP B 253 -27.33 2.57 -9.02
C TRP B 253 -26.77 1.72 -10.16
N LEU B 254 -25.70 0.96 -9.91
CA LEU B 254 -25.10 0.07 -10.90
C LEU B 254 -26.00 -1.15 -11.15
N ARG B 255 -26.71 -1.62 -10.11
CA ARG B 255 -27.65 -2.73 -10.24
C ARG B 255 -28.90 -2.27 -11.02
N VAL B 256 -29.33 -1.01 -10.84
CA VAL B 256 -30.44 -0.40 -11.58
C VAL B 256 -30.04 -0.25 -13.04
N LEU B 257 -28.80 0.18 -13.31
CA LEU B 257 -28.28 0.32 -14.68
C LEU B 257 -28.24 -1.02 -15.41
N SER B 258 -28.01 -2.12 -14.67
CA SER B 258 -27.97 -3.46 -15.22
C SER B 258 -29.36 -3.91 -15.69
N LYS B 259 -30.43 -3.52 -14.96
CA LYS B 259 -31.79 -3.87 -15.37
C LYS B 259 -32.21 -3.09 -16.62
N LYS B 260 -31.73 -1.84 -16.77
CA LYS B 260 -32.01 -1.02 -17.94
C LYS B 260 -31.32 -1.61 -19.16
N THR B 261 -30.05 -2.04 -19.00
CA THR B 261 -29.28 -2.68 -20.06
C THR B 261 -29.93 -4.00 -20.47
N LYS B 262 -30.47 -4.76 -19.50
CA LYS B 262 -31.15 -6.03 -19.75
C LYS B 262 -32.44 -5.78 -20.55
N GLU B 263 -33.17 -4.73 -20.19
CA GLU B 263 -34.42 -4.37 -20.86
C GLU B 263 -34.18 -3.86 -22.28
N GLU B 264 -33.13 -3.04 -22.47
CA GLU B 264 -32.80 -2.49 -23.79
C GLU B 264 -32.24 -3.57 -24.70
N VAL B 265 -31.44 -4.49 -24.15
CA VAL B 265 -30.86 -5.59 -24.93
C VAL B 265 -31.92 -6.69 -25.24
N GLY B 266 -32.97 -6.79 -24.43
CA GLY B 266 -34.02 -7.77 -24.63
C GLY B 266 -35.03 -7.34 -25.67
N GLN C 1 16.81 34.38 0.21
CA GLN C 1 16.90 34.29 -1.26
C GLN C 1 18.35 34.37 -1.72
N VAL C 2 18.74 33.48 -2.65
CA VAL C 2 20.10 33.42 -3.17
C VAL C 2 20.35 34.51 -4.21
N GLN C 3 21.44 35.28 -4.04
CA GLN C 3 21.78 36.34 -4.97
CA GLN C 3 21.78 36.36 -4.96
C GLN C 3 22.94 35.96 -5.88
N LEU C 4 22.81 36.22 -7.18
CA LEU C 4 23.85 35.92 -8.16
C LEU C 4 24.32 37.23 -8.77
N VAL C 5 25.63 37.51 -8.73
CA VAL C 5 26.18 38.75 -9.28
C VAL C 5 27.21 38.47 -10.37
N GLU C 6 26.97 38.94 -11.59
CA GLU C 6 27.91 38.73 -12.69
C GLU C 6 28.88 39.89 -12.85
N SER C 7 30.08 39.58 -13.32
CA SER C 7 31.13 40.55 -13.59
C SER C 7 32.01 40.04 -14.73
N GLY C 8 32.66 40.95 -15.44
CA GLY C 8 33.60 40.59 -16.50
C GLY C 8 33.33 40.71 -17.99
N GLY C 9 32.26 41.40 -18.41
CA GLY C 9 31.95 41.55 -19.84
C GLY C 9 32.48 42.83 -20.43
N GLY C 10 31.82 43.31 -21.49
CA GLY C 10 32.25 44.54 -22.15
C GLY C 10 32.16 44.50 -23.65
N LEU C 11 33.00 45.29 -24.31
CA LEU C 11 33.00 45.41 -25.77
C LEU C 11 34.36 45.05 -26.34
N VAL C 12 34.40 44.04 -27.23
CA VAL C 12 35.63 43.57 -27.84
C VAL C 12 35.48 43.41 -29.36
N GLN C 13 36.61 43.42 -30.08
CA GLN C 13 36.65 43.18 -31.52
C GLN C 13 36.42 41.68 -31.82
N ALA C 14 36.05 41.35 -33.07
CA ALA C 14 35.86 39.96 -33.47
C ALA C 14 37.19 39.20 -33.40
N GLY C 15 37.15 38.02 -32.80
CA GLY C 15 38.33 37.19 -32.62
C GLY C 15 38.93 37.25 -31.23
N GLY C 16 38.60 38.30 -30.48
CA GLY C 16 39.11 38.51 -29.13
C GLY C 16 38.51 37.58 -28.09
N SER C 17 38.94 37.74 -26.83
CA SER C 17 38.44 36.89 -25.76
C SER C 17 37.90 37.69 -24.57
N LEU C 18 37.06 37.04 -23.77
CA LEU C 18 36.46 37.59 -22.57
C LEU C 18 36.34 36.48 -21.50
N ARG C 19 36.21 36.86 -20.22
CA ARG C 19 36.04 35.88 -19.15
CA ARG C 19 36.04 35.88 -19.15
C ARG C 19 35.02 36.37 -18.15
N LEU C 20 33.84 35.76 -18.14
CA LEU C 20 32.78 36.15 -17.23
C LEU C 20 32.87 35.38 -15.92
N SER C 21 32.41 35.98 -14.83
CA SER C 21 32.37 35.33 -13.54
C SER C 21 31.05 35.65 -12.83
N CYS C 22 30.55 34.72 -12.02
CA CYS C 22 29.28 34.93 -11.31
C CYS C 22 29.42 34.49 -9.87
N ALA C 23 29.45 35.45 -8.94
CA ALA C 23 29.56 35.14 -7.52
C ALA C 23 28.18 34.90 -6.91
N ALA C 24 28.06 33.87 -6.08
CA ALA C 24 26.80 33.54 -5.43
C ALA C 24 26.87 33.73 -3.93
N SER C 25 25.75 34.05 -3.29
CA SER C 25 25.68 34.23 -1.86
C SER C 25 25.21 32.95 -1.17
N GLY C 26 25.48 32.82 0.12
CA GLY C 26 25.08 31.65 0.89
C GLY C 26 26.13 30.57 0.94
N ARG C 27 25.79 29.43 1.56
CA ARG C 27 26.73 28.32 1.72
C ARG C 27 26.26 27.04 1.03
N ALA C 28 25.45 27.16 -0.02
CA ALA C 28 24.96 25.98 -0.74
C ALA C 28 25.28 26.00 -2.22
N PHE C 29 26.31 26.76 -2.64
CA PHE C 29 26.71 26.86 -4.05
C PHE C 29 27.09 25.51 -4.64
N SER C 30 27.83 24.69 -3.87
CA SER C 30 28.27 23.37 -4.31
C SER C 30 27.12 22.41 -4.63
N THR C 31 25.88 22.75 -4.23
CA THR C 31 24.69 21.93 -4.47
C THR C 31 23.86 22.40 -5.68
N TYR C 32 24.21 23.53 -6.30
CA TYR C 32 23.45 24.07 -7.41
C TYR C 32 24.03 23.66 -8.76
N VAL C 33 23.15 23.55 -9.76
CA VAL C 33 23.57 23.31 -11.13
C VAL C 33 23.71 24.72 -11.69
N MET C 34 24.91 25.11 -12.12
CA MET C 34 25.13 26.45 -12.65
C MET C 34 25.06 26.48 -14.16
N GLY C 35 24.53 27.57 -14.69
CA GLY C 35 24.40 27.72 -16.13
C GLY C 35 24.49 29.15 -16.61
N TRP C 36 24.81 29.29 -17.89
CA TRP C 36 24.92 30.58 -18.55
C TRP C 36 23.92 30.66 -19.69
N PHE C 37 23.24 31.79 -19.78
CA PHE C 37 22.24 32.06 -20.82
C PHE C 37 22.54 33.42 -21.46
N ARG C 38 21.98 33.69 -22.65
CA ARG C 38 22.22 34.98 -23.29
C ARG C 38 20.96 35.54 -23.93
N GLU C 39 20.73 36.83 -23.73
CA GLU C 39 19.56 37.49 -24.27
C GLU C 39 19.94 38.47 -25.37
N ALA C 40 19.77 38.06 -26.62
CA ALA C 40 20.01 38.91 -27.78
C ALA C 40 18.88 39.95 -27.82
N PRO C 41 19.13 41.17 -28.31
CA PRO C 41 18.08 42.20 -28.32
C PRO C 41 16.80 41.75 -29.00
N GLY C 42 15.69 41.83 -28.27
CA GLY C 42 14.37 41.44 -28.76
C GLY C 42 14.11 39.94 -28.77
N LYS C 43 14.98 39.16 -28.14
CA LYS C 43 14.84 37.71 -28.12
C LYS C 43 14.70 37.13 -26.69
N GLU C 44 14.36 35.84 -26.59
CA GLU C 44 14.28 35.16 -25.29
C GLU C 44 15.65 34.54 -24.97
N ARG C 45 16.00 34.45 -23.68
CA ARG C 45 17.27 33.89 -23.23
C ARG C 45 17.60 32.50 -23.79
N ASP C 46 18.57 32.43 -24.72
CA ASP C 46 19.04 31.17 -25.29
C ASP C 46 20.06 30.52 -24.35
N PHE C 47 20.12 29.20 -24.38
CA PHE C 47 21.05 28.45 -23.56
C PHE C 47 22.48 28.59 -24.08
N VAL C 48 23.46 28.74 -23.18
CA VAL C 48 24.86 28.83 -23.61
C VAL C 48 25.64 27.61 -23.11
N ALA C 49 25.76 27.44 -21.79
CA ALA C 49 26.49 26.33 -21.21
C ALA C 49 25.99 25.96 -19.83
N THR C 50 26.08 24.70 -19.46
CA THR C 50 25.66 24.24 -18.14
C THR C 50 26.76 23.39 -17.50
N LEU C 51 26.74 23.31 -16.17
CA LEU C 51 27.78 22.61 -15.45
C LEU C 51 27.24 21.82 -14.29
N SER C 52 27.80 20.62 -14.05
CA SER C 52 27.40 19.77 -12.93
C SER C 52 27.80 20.41 -11.59
N ARG C 53 27.16 19.99 -10.48
CA ARG C 53 27.41 20.53 -9.14
C ARG C 53 28.89 20.57 -8.73
N GLY C 54 29.68 19.65 -9.23
CA GLY C 54 31.11 19.57 -8.92
C GLY C 54 31.99 20.29 -9.93
N GLY C 55 31.54 20.36 -11.17
CA GLY C 55 32.25 21.06 -12.23
C GLY C 55 32.98 20.19 -13.22
N ALA C 56 32.87 18.86 -13.10
CA ALA C 56 33.56 17.95 -14.01
C ALA C 56 32.78 17.59 -15.26
N VAL C 57 31.46 17.88 -15.30
CA VAL C 57 30.65 17.56 -16.48
C VAL C 57 30.10 18.82 -17.11
N THR C 58 30.63 19.19 -18.29
CA THR C 58 30.22 20.40 -19.01
C THR C 58 29.33 20.10 -20.21
N TYR C 59 28.39 21.00 -20.51
CA TYR C 59 27.52 20.85 -21.68
C TYR C 59 27.39 22.19 -22.37
N TYR C 60 27.47 22.23 -23.70
CA TYR C 60 27.44 23.48 -24.44
C TYR C 60 26.44 23.48 -25.58
N ALA C 61 26.01 24.68 -26.00
CA ALA C 61 25.15 24.83 -27.17
C ALA C 61 26.03 24.63 -28.41
N ASP C 62 25.44 24.16 -29.52
CA ASP C 62 26.18 23.93 -30.75
C ASP C 62 26.86 25.18 -31.32
N SER C 63 26.30 26.36 -31.05
CA SER C 63 26.87 27.62 -31.55
C SER C 63 28.11 28.06 -30.80
N VAL C 64 28.28 27.63 -29.54
CA VAL C 64 29.44 28.03 -28.72
C VAL C 64 30.39 26.87 -28.37
N LYS C 65 30.14 25.66 -28.90
CA LYS C 65 30.97 24.49 -28.62
C LYS C 65 32.35 24.63 -29.26
N GLY C 66 33.39 24.36 -28.47
CA GLY C 66 34.76 24.47 -28.94
C GLY C 66 35.37 25.85 -28.79
N ARG C 67 34.56 26.86 -28.46
CA ARG C 67 35.04 28.23 -28.29
C ARG C 67 34.85 28.71 -26.87
N PHE C 68 33.73 28.36 -26.24
CA PHE C 68 33.47 28.76 -24.86
C PHE C 68 33.81 27.63 -23.88
N THR C 69 34.20 27.99 -22.66
CA THR C 69 34.53 27.00 -21.64
C THR C 69 33.91 27.37 -20.30
N ILE C 70 33.00 26.53 -19.80
CA ILE C 70 32.37 26.77 -18.51
C ILE C 70 33.13 26.01 -17.42
N SER C 71 33.42 26.67 -16.30
CA SER C 71 34.14 26.08 -15.18
C SER C 71 33.60 26.63 -13.85
N ARG C 72 33.97 26.02 -12.71
CA ARG C 72 33.49 26.51 -11.42
C ARG C 72 34.48 26.26 -10.29
N ASP C 73 34.42 27.11 -9.27
CA ASP C 73 35.26 27.01 -8.09
C ASP C 73 34.35 27.09 -6.89
N ASN C 74 33.94 25.93 -6.34
CA ASN C 74 33.06 25.87 -5.17
C ASN C 74 33.64 26.54 -3.93
N ALA C 75 34.98 26.65 -3.86
CA ALA C 75 35.69 27.31 -2.77
C ALA C 75 35.38 28.81 -2.73
N LYS C 76 35.18 29.44 -3.89
CA LYS C 76 34.89 30.86 -3.98
C LYS C 76 33.45 31.18 -4.39
N ASN C 77 32.56 30.18 -4.43
CA ASN C 77 31.15 30.32 -4.84
C ASN C 77 31.02 31.02 -6.20
N THR C 78 31.89 30.67 -7.16
CA THR C 78 31.90 31.32 -8.46
C THR C 78 31.82 30.35 -9.64
N VAL C 79 31.10 30.75 -10.69
CA VAL C 79 31.01 30.01 -11.94
C VAL C 79 31.59 30.91 -13.05
N TYR C 80 32.41 30.34 -13.94
CA TYR C 80 33.07 31.11 -14.99
C TYR C 80 32.65 30.71 -16.39
N LEU C 81 32.83 31.62 -17.35
CA LEU C 81 32.55 31.37 -18.76
C LEU C 81 33.65 32.02 -19.59
N GLN C 82 34.63 31.24 -20.06
CA GLN C 82 35.71 31.79 -20.88
C GLN C 82 35.23 31.81 -22.32
N MET C 83 35.20 32.98 -22.94
CA MET C 83 34.72 33.10 -24.31
C MET C 83 35.85 33.40 -25.27
N ASP C 84 36.33 32.39 -26.01
CA ASP C 84 37.41 32.55 -26.98
C ASP C 84 36.86 32.60 -28.41
N SER C 85 37.62 33.18 -29.36
CA SER C 85 37.24 33.31 -30.76
C SER C 85 35.85 33.91 -30.94
N LEU C 86 35.58 35.02 -30.24
CA LEU C 86 34.30 35.71 -30.27
C LEU C 86 33.86 36.17 -31.65
N GLU C 87 32.57 36.00 -31.94
CA GLU C 87 31.97 36.38 -33.21
C GLU C 87 30.89 37.45 -32.95
N PRO C 88 30.56 38.30 -33.94
CA PRO C 88 29.50 39.30 -33.73
C PRO C 88 28.16 38.68 -33.29
N GLU C 89 27.92 37.40 -33.65
CA GLU C 89 26.71 36.66 -33.28
C GLU C 89 26.60 36.36 -31.78
N ASP C 90 27.73 36.39 -31.05
CA ASP C 90 27.74 36.17 -29.60
C ASP C 90 27.24 37.39 -28.79
N THR C 91 27.00 38.53 -29.45
CA THR C 91 26.54 39.76 -28.80
C THR C 91 25.16 39.58 -28.16
N ALA C 92 25.13 39.62 -26.83
CA ALA C 92 23.93 39.48 -26.01
C ALA C 92 24.26 39.83 -24.52
N VAL C 93 23.24 39.94 -23.65
CA VAL C 93 23.47 40.14 -22.23
C VAL C 93 23.53 38.73 -21.63
N TYR C 94 24.64 38.37 -20.99
CA TYR C 94 24.82 37.04 -20.42
C TYR C 94 24.32 36.96 -18.99
N TYR C 95 23.43 36.01 -18.75
CA TYR C 95 22.83 35.76 -17.45
C TYR C 95 23.37 34.51 -16.81
N CYS C 96 23.58 34.58 -15.50
CA CYS C 96 24.05 33.49 -14.67
C CYS C 96 22.82 32.93 -13.93
N ALA C 97 22.71 31.60 -13.86
CA ALA C 97 21.56 30.97 -13.23
C ALA C 97 21.89 29.76 -12.38
N ALA C 98 21.19 29.60 -11.25
CA ALA C 98 21.40 28.48 -10.33
C ALA C 98 20.16 27.59 -10.23
N ARG C 99 20.36 26.26 -10.25
CA ARG C 99 19.28 25.29 -10.15
C ARG C 99 19.42 24.46 -8.89
N ASP C 100 18.44 24.57 -7.98
CA ASP C 100 18.42 23.79 -6.75
C ASP C 100 17.24 22.84 -6.84
N ARG C 101 17.34 21.89 -7.76
CA ARG C 101 16.28 20.92 -8.00
C ARG C 101 16.85 19.54 -8.35
N LEU C 102 15.99 18.50 -8.35
CA LEU C 102 16.39 17.15 -8.70
C LEU C 102 16.81 17.13 -10.18
N GLY C 103 17.96 16.54 -10.47
CA GLY C 103 18.41 16.40 -11.85
C GLY C 103 19.82 16.85 -12.13
N GLY C 104 20.37 16.31 -13.20
CA GLY C 104 21.70 16.69 -13.64
C GLY C 104 21.66 17.93 -14.50
N ALA C 105 22.84 18.50 -14.76
CA ALA C 105 22.98 19.66 -15.62
C ALA C 105 22.68 19.34 -17.08
N GLY C 106 22.98 18.12 -17.51
CA GLY C 106 22.79 17.68 -18.87
C GLY C 106 21.44 17.94 -19.47
N THR C 107 20.40 18.02 -18.64
CA THR C 107 19.06 18.31 -19.09
C THR C 107 18.60 19.75 -18.77
N ALA C 108 19.35 20.49 -17.95
CA ALA C 108 19.02 21.86 -17.60
C ALA C 108 19.46 22.85 -18.68
N THR C 109 18.80 22.77 -19.85
CA THR C 109 19.09 23.64 -20.99
C THR C 109 17.98 24.65 -21.29
N PHE C 110 17.01 24.82 -20.39
CA PHE C 110 15.92 25.76 -20.55
C PHE C 110 15.97 26.80 -19.43
N TRP C 111 15.49 28.04 -19.69
CA TRP C 111 15.50 29.08 -18.66
C TRP C 111 14.57 28.76 -17.48
N GLY C 112 13.48 28.05 -17.76
CA GLY C 112 12.54 27.63 -16.72
C GLY C 112 13.07 26.56 -15.80
N ASP C 113 14.18 25.90 -16.18
CA ASP C 113 14.81 24.86 -15.37
C ASP C 113 15.64 25.43 -14.22
N TYR C 114 15.79 26.76 -14.11
CA TYR C 114 16.58 27.36 -13.05
C TYR C 114 15.72 28.09 -12.01
N ASP C 115 16.26 28.31 -10.81
CA ASP C 115 15.52 28.94 -9.72
C ASP C 115 16.00 30.34 -9.39
N TYR C 116 17.31 30.57 -9.52
CA TYR C 116 17.88 31.89 -9.21
C TYR C 116 18.55 32.49 -10.44
N TRP C 117 18.47 33.82 -10.56
CA TRP C 117 19.05 34.50 -11.71
C TRP C 117 19.86 35.73 -11.30
N GLY C 118 20.82 36.09 -12.14
CA GLY C 118 21.62 37.28 -11.94
C GLY C 118 21.04 38.49 -12.65
N GLN C 119 21.65 39.68 -12.48
CA GLN C 119 21.12 40.88 -13.14
C GLN C 119 21.55 41.04 -14.61
N GLY C 120 22.53 40.27 -15.04
CA GLY C 120 22.98 40.28 -16.42
C GLY C 120 24.22 41.12 -16.67
N THR C 121 25.10 40.64 -17.54
CA THR C 121 26.31 41.38 -17.91
C THR C 121 26.36 41.53 -19.42
N GLN C 122 26.53 42.76 -19.91
CA GLN C 122 26.52 43.00 -21.35
C GLN C 122 27.81 42.57 -22.05
N VAL C 123 27.68 41.79 -23.13
CA VAL C 123 28.79 41.33 -23.94
C VAL C 123 28.54 41.74 -25.40
N THR C 124 29.43 42.56 -25.95
CA THR C 124 29.30 43.04 -27.32
C THR C 124 30.52 42.73 -28.17
N VAL C 125 30.31 42.11 -29.32
CA VAL C 125 31.40 41.79 -30.23
C VAL C 125 31.16 42.53 -31.55
N SER C 126 32.11 43.35 -32.00
CA SER C 126 31.95 44.10 -33.24
C SER C 126 32.82 43.54 -34.36
N SER C 127 32.42 43.78 -35.61
CA SER C 127 33.17 43.32 -36.77
C SER C 127 34.47 44.10 -36.91
N GLN D 1 -32.02 -12.60 17.14
CA GLN D 1 -32.13 -13.07 15.75
C GLN D 1 -33.57 -12.96 15.23
N VAL D 2 -33.74 -12.42 14.02
CA VAL D 2 -35.05 -12.24 13.40
C VAL D 2 -35.57 -13.56 12.81
N GLN D 3 -36.81 -13.92 13.15
CA GLN D 3 -37.41 -15.16 12.66
C GLN D 3 -38.43 -14.91 11.55
N LEU D 4 -38.35 -15.66 10.45
CA LEU D 4 -39.27 -15.54 9.33
C LEU D 4 -40.06 -16.84 9.20
N VAL D 5 -41.39 -16.76 9.23
CA VAL D 5 -42.23 -17.96 9.13
C VAL D 5 -43.18 -17.87 7.94
N GLU D 6 -43.08 -18.82 7.00
CA GLU D 6 -43.94 -18.83 5.83
C GLU D 6 -45.19 -19.67 6.05
N SER D 7 -46.28 -19.27 5.41
CA SER D 7 -47.54 -19.98 5.44
C SER D 7 -48.30 -19.73 4.13
N GLY D 8 -49.21 -20.64 3.78
CA GLY D 8 -50.05 -20.46 2.60
C GLY D 8 -49.84 -21.20 1.29
N GLY D 9 -49.02 -22.25 1.27
CA GLY D 9 -48.80 -23.04 0.05
C GLY D 9 -49.70 -24.25 -0.03
N GLY D 10 -49.28 -25.26 -0.76
CA GLY D 10 -50.07 -26.47 -0.90
C GLY D 10 -50.05 -27.04 -2.30
N LEU D 11 -51.12 -27.74 -2.66
CA LEU D 11 -51.20 -28.42 -3.95
C LEU D 11 -52.40 -27.95 -4.74
N VAL D 12 -52.17 -27.41 -5.95
CA VAL D 12 -53.23 -26.91 -6.82
C VAL D 12 -53.08 -27.41 -8.26
N GLN D 13 -54.18 -27.41 -9.03
CA GLN D 13 -54.10 -27.83 -10.43
C GLN D 13 -53.65 -26.65 -11.32
N ALA D 14 -53.08 -26.97 -12.50
CA ALA D 14 -52.53 -25.97 -13.42
C ALA D 14 -53.57 -24.91 -13.80
N GLY D 15 -53.16 -23.65 -13.69
CA GLY D 15 -54.04 -22.52 -13.97
C GLY D 15 -54.60 -21.86 -12.73
N GLY D 16 -54.58 -22.57 -11.61
CA GLY D 16 -55.10 -22.08 -10.34
C GLY D 16 -54.23 -21.02 -9.69
N SER D 17 -54.66 -20.55 -8.52
CA SER D 17 -53.92 -19.51 -7.80
C SER D 17 -53.60 -19.88 -6.35
N LEU D 18 -52.59 -19.22 -5.80
CA LEU D 18 -52.15 -19.39 -4.42
C LEU D 18 -51.70 -18.03 -3.87
N ARG D 19 -51.63 -17.89 -2.53
CA ARG D 19 -51.13 -16.67 -1.92
C ARG D 19 -50.29 -17.01 -0.71
N LEU D 20 -48.99 -16.79 -0.83
CA LEU D 20 -48.06 -17.07 0.24
C LEU D 20 -47.92 -15.87 1.15
N SER D 21 -47.63 -16.10 2.42
CA SER D 21 -47.40 -15.03 3.37
C SER D 21 -46.19 -15.38 4.26
N CYS D 22 -45.46 -14.36 4.70
CA CYS D 22 -44.30 -14.57 5.55
C CYS D 22 -44.30 -13.60 6.71
N ALA D 23 -44.58 -14.10 7.91
CA ALA D 23 -44.63 -13.27 9.10
C ALA D 23 -43.23 -13.14 9.71
N ALA D 24 -42.87 -11.93 10.10
CA ALA D 24 -41.57 -11.68 10.70
C ALA D 24 -41.69 -11.26 12.15
N SER D 25 -40.68 -11.58 12.97
CA SER D 25 -40.68 -11.21 14.38
C SER D 25 -39.91 -9.90 14.59
N GLY D 26 -40.16 -9.23 15.72
CA GLY D 26 -39.51 -7.97 16.04
C GLY D 26 -40.29 -6.75 15.60
N ARG D 27 -39.71 -5.56 15.80
CA ARG D 27 -40.37 -4.30 15.40
C ARG D 27 -39.57 -3.53 14.35
N ALA D 28 -38.81 -4.23 13.50
CA ALA D 28 -38.02 -3.56 12.46
C ALA D 28 -38.33 -4.06 11.05
N PHE D 29 -39.51 -4.67 10.85
CA PHE D 29 -39.91 -5.20 9.54
C PHE D 29 -39.95 -4.12 8.46
N SER D 30 -40.47 -2.94 8.80
CA SER D 30 -40.55 -1.81 7.85
C SER D 30 -39.19 -1.32 7.34
N THR D 31 -38.09 -1.76 7.96
CA THR D 31 -36.73 -1.39 7.56
C THR D 31 -36.03 -2.48 6.71
N TYR D 32 -36.67 -3.63 6.50
CA TYR D 32 -36.06 -4.72 5.73
C TYR D 32 -36.50 -4.73 4.28
N VAL D 33 -35.62 -5.22 3.40
CA VAL D 33 -35.94 -5.44 2.00
C VAL D 33 -36.43 -6.89 1.97
N MET D 34 -37.68 -7.12 1.59
CA MET D 34 -38.22 -8.47 1.57
C MET D 34 -38.15 -9.11 0.19
N GLY D 35 -37.91 -10.41 0.15
CA GLY D 35 -37.80 -11.12 -1.11
C GLY D 35 -38.24 -12.57 -1.05
N TRP D 36 -38.58 -13.12 -2.21
CA TRP D 36 -39.02 -14.49 -2.34
C TRP D 36 -38.09 -15.25 -3.27
N PHE D 37 -37.71 -16.46 -2.87
CA PHE D 37 -36.85 -17.35 -3.65
C PHE D 37 -37.52 -18.73 -3.78
N ARG D 38 -37.10 -19.55 -4.75
CA ARG D 38 -37.70 -20.88 -4.88
C ARG D 38 -36.67 -21.95 -5.19
N GLU D 39 -36.80 -23.10 -4.51
CA GLU D 39 -35.88 -24.20 -4.70
C GLU D 39 -36.58 -25.39 -5.30
N ALA D 40 -36.41 -25.59 -6.62
CA ALA D 40 -36.98 -26.75 -7.29
C ALA D 40 -36.10 -27.98 -6.90
N PRO D 41 -36.69 -29.19 -6.82
CA PRO D 41 -35.88 -30.36 -6.43
C PRO D 41 -34.70 -30.59 -7.38
N GLY D 42 -33.50 -30.64 -6.82
CA GLY D 42 -32.30 -30.83 -7.63
C GLY D 42 -31.76 -29.56 -8.28
N LYS D 43 -32.52 -28.45 -8.18
CA LYS D 43 -32.12 -27.16 -8.75
C LYS D 43 -31.78 -26.15 -7.65
N GLU D 44 -30.89 -25.20 -7.96
CA GLU D 44 -30.49 -24.16 -7.02
C GLU D 44 -31.61 -23.17 -6.72
N ARG D 45 -31.54 -22.50 -5.55
CA ARG D 45 -32.56 -21.52 -5.18
C ARG D 45 -32.48 -20.33 -6.12
N ASP D 46 -33.56 -20.12 -6.88
CA ASP D 46 -33.67 -19.05 -7.87
C ASP D 46 -34.42 -17.86 -7.30
N PHE D 47 -34.12 -16.66 -7.82
CA PHE D 47 -34.79 -15.43 -7.40
C PHE D 47 -36.22 -15.42 -7.96
N VAL D 48 -37.21 -15.02 -7.14
CA VAL D 48 -38.60 -14.96 -7.60
C VAL D 48 -39.05 -13.50 -7.70
N ALA D 49 -39.05 -12.78 -6.58
CA ALA D 49 -39.47 -11.38 -6.55
C ALA D 49 -38.84 -10.66 -5.37
N THR D 50 -38.68 -9.34 -5.49
CA THR D 50 -38.15 -8.53 -4.40
C THR D 50 -38.97 -7.27 -4.23
N LEU D 51 -38.94 -6.70 -3.03
CA LEU D 51 -39.75 -5.53 -2.73
C LEU D 51 -39.04 -4.54 -1.81
N SER D 52 -39.20 -3.24 -2.08
CA SER D 52 -38.61 -2.18 -1.27
C SER D 52 -39.22 -2.08 0.13
N ARG D 53 -38.54 -1.39 1.06
CA ARG D 53 -38.96 -1.28 2.46
C ARG D 53 -40.38 -0.79 2.68
N GLY D 54 -40.88 0.03 1.77
CA GLY D 54 -42.25 0.54 1.87
C GLY D 54 -43.24 -0.26 1.05
N GLY D 55 -42.77 -0.86 -0.04
CA GLY D 55 -43.60 -1.68 -0.91
C GLY D 55 -43.96 -1.05 -2.25
N ALA D 56 -43.39 0.12 -2.56
CA ALA D 56 -43.70 0.80 -3.81
C ALA D 56 -42.82 0.38 -5.00
N VAL D 57 -41.69 -0.29 -4.74
CA VAL D 57 -40.80 -0.73 -5.82
C VAL D 57 -40.71 -2.23 -5.88
N THR D 58 -41.34 -2.85 -6.89
CA THR D 58 -41.33 -4.30 -7.07
C THR D 58 -40.41 -4.72 -8.21
N TYR D 59 -39.79 -5.90 -8.09
CA TYR D 59 -38.95 -6.44 -9.15
C TYR D 59 -39.21 -7.93 -9.29
N TYR D 60 -39.33 -8.43 -10.51
CA TYR D 60 -39.64 -9.84 -10.73
C TYR D 60 -38.70 -10.54 -11.69
N ALA D 61 -38.60 -11.87 -11.57
CA ALA D 61 -37.83 -12.68 -12.50
C ALA D 61 -38.65 -12.81 -13.80
N ASP D 62 -37.99 -12.99 -14.94
CA ASP D 62 -38.68 -13.10 -16.23
C ASP D 62 -39.65 -14.28 -16.30
N SER D 63 -39.40 -15.34 -15.54
CA SER D 63 -40.27 -16.52 -15.55
C SER D 63 -41.59 -16.33 -14.81
N VAL D 64 -41.63 -15.40 -13.84
CA VAL D 64 -42.87 -15.15 -13.09
C VAL D 64 -43.48 -13.76 -13.30
N LYS D 65 -42.89 -12.94 -14.19
CA LYS D 65 -43.40 -11.60 -14.45
C LYS D 65 -44.75 -11.65 -15.16
N GLY D 66 -45.70 -10.87 -14.68
CA GLY D 66 -47.05 -10.86 -15.22
C GLY D 66 -48.00 -11.87 -14.59
N ARG D 67 -47.46 -12.82 -13.82
CA ARG D 67 -48.25 -13.85 -13.16
C ARG D 67 -48.17 -13.72 -11.65
N PHE D 68 -47.00 -13.39 -11.12
CA PHE D 68 -46.79 -13.27 -9.69
C PHE D 68 -46.83 -11.80 -9.24
N THR D 69 -47.28 -11.54 -8.00
CA THR D 69 -47.33 -10.19 -7.47
C THR D 69 -46.84 -10.15 -6.04
N ILE D 70 -45.76 -9.40 -5.77
CA ILE D 70 -45.23 -9.28 -4.43
C ILE D 70 -45.77 -8.00 -3.79
N SER D 71 -46.24 -8.12 -2.54
CA SER D 71 -46.80 -7.00 -1.79
C SER D 71 -46.43 -7.12 -0.30
N ARG D 72 -46.65 -6.06 0.51
CA ARG D 72 -46.32 -6.11 1.93
C ARG D 72 -47.22 -5.25 2.78
N ASP D 73 -47.40 -5.65 4.04
CA ASP D 73 -48.19 -4.92 5.00
C ASP D 73 -47.33 -4.74 6.24
N ASN D 74 -46.65 -3.59 6.35
CA ASN D 74 -45.78 -3.29 7.48
C ASN D 74 -46.52 -3.29 8.83
N ALA D 75 -47.83 -3.06 8.81
CA ALA D 75 -48.69 -3.07 10.00
C ALA D 75 -48.77 -4.47 10.62
N LYS D 76 -48.72 -5.52 9.78
CA LYS D 76 -48.80 -6.89 10.25
C LYS D 76 -47.48 -7.67 10.13
N ASN D 77 -46.36 -6.98 9.81
CA ASN D 77 -45.04 -7.60 9.64
C ASN D 77 -45.08 -8.77 8.66
N THR D 78 -45.82 -8.61 7.55
CA THR D 78 -45.98 -9.69 6.59
C THR D 78 -45.67 -9.28 5.15
N VAL D 79 -45.06 -10.19 4.40
CA VAL D 79 -44.78 -10.02 2.98
C VAL D 79 -45.57 -11.10 2.23
N TYR D 80 -46.20 -10.75 1.12
CA TYR D 80 -47.03 -11.67 0.36
C TYR D 80 -46.52 -11.94 -1.05
N LEU D 81 -46.92 -13.08 -1.61
CA LEU D 81 -46.59 -13.46 -2.97
C LEU D 81 -47.84 -14.08 -3.58
N GLN D 82 -48.58 -13.33 -4.41
CA GLN D 82 -49.77 -13.83 -5.06
C GLN D 82 -49.33 -14.54 -6.32
N MET D 83 -49.64 -15.82 -6.45
CA MET D 83 -49.25 -16.61 -7.60
C MET D 83 -50.44 -16.95 -8.47
N ASP D 84 -50.62 -16.22 -9.58
CA ASP D 84 -51.71 -16.47 -10.52
C ASP D 84 -51.21 -17.23 -11.75
N SER D 85 -52.13 -17.91 -12.47
CA SER D 85 -51.83 -18.69 -13.68
C SER D 85 -50.67 -19.67 -13.46
N LEU D 86 -50.74 -20.43 -12.37
CA LEU D 86 -49.71 -21.39 -11.99
C LEU D 86 -49.45 -22.48 -13.04
N GLU D 87 -48.17 -22.79 -13.24
CA GLU D 87 -47.73 -23.80 -14.19
C GLU D 87 -47.03 -24.93 -13.44
N PRO D 88 -46.97 -26.16 -13.99
CA PRO D 88 -46.25 -27.24 -13.29
C PRO D 88 -44.78 -26.90 -13.01
N GLU D 89 -44.18 -25.99 -13.80
CA GLU D 89 -42.80 -25.52 -13.63
C GLU D 89 -42.61 -24.67 -12.36
N ASP D 90 -43.70 -24.14 -11.78
CA ASP D 90 -43.64 -23.37 -10.55
C ASP D 90 -43.64 -24.23 -9.28
N THR D 91 -43.54 -25.56 -9.42
CA THR D 91 -43.49 -26.49 -8.29
C THR D 91 -42.12 -26.40 -7.65
N ALA D 92 -42.05 -25.82 -6.44
CA ALA D 92 -40.78 -25.63 -5.70
C ALA D 92 -41.04 -25.29 -4.21
N VAL D 93 -39.99 -25.31 -3.35
CA VAL D 93 -40.13 -24.90 -1.96
C VAL D 93 -39.83 -23.40 -1.97
N TYR D 94 -40.80 -22.56 -1.62
CA TYR D 94 -40.62 -21.11 -1.64
C TYR D 94 -40.09 -20.58 -0.32
N TYR D 95 -39.02 -19.79 -0.38
CA TYR D 95 -38.34 -19.21 0.77
C TYR D 95 -38.50 -17.71 0.86
N CYS D 96 -38.72 -17.23 2.07
CA CYS D 96 -38.88 -15.82 2.40
C CYS D 96 -37.56 -15.31 2.98
N ALA D 97 -37.13 -14.12 2.57
CA ALA D 97 -35.86 -13.57 3.03
C ALA D 97 -35.90 -12.07 3.35
N ALA D 98 -35.18 -11.66 4.41
CA ALA D 98 -35.14 -10.25 4.82
C ALA D 98 -33.73 -9.69 4.73
N ARG D 99 -33.60 -8.47 4.22
CA ARG D 99 -32.30 -7.80 4.08
C ARG D 99 -32.28 -6.53 4.94
N ASP D 100 -31.52 -6.53 6.05
CA ASP D 100 -31.44 -5.32 6.89
C ASP D 100 -30.27 -4.40 6.51
N ARG D 101 -29.43 -4.80 5.53
CA ARG D 101 -28.34 -3.98 5.07
C ARG D 101 -28.87 -2.88 4.17
N LEU D 102 -28.24 -1.71 4.20
CA LEU D 102 -28.65 -0.54 3.43
C LEU D 102 -28.76 -0.83 1.93
N GLY D 103 -29.82 -0.33 1.33
CA GLY D 103 -30.07 -0.52 -0.10
C GLY D 103 -30.84 -1.79 -0.39
N GLY D 104 -30.80 -2.22 -1.63
CA GLY D 104 -31.48 -3.44 -2.06
C GLY D 104 -32.85 -3.25 -2.66
N ALA D 105 -33.31 -1.98 -2.79
CA ALA D 105 -34.62 -1.65 -3.35
C ALA D 105 -34.72 -2.02 -4.82
N GLY D 106 -35.24 -3.21 -5.08
CA GLY D 106 -35.42 -3.79 -6.40
C GLY D 106 -34.17 -4.41 -6.99
N THR D 107 -33.02 -4.23 -6.34
CA THR D 107 -31.75 -4.73 -6.86
C THR D 107 -31.23 -5.98 -6.10
N ALA D 108 -31.82 -6.33 -4.97
CA ALA D 108 -31.41 -7.50 -4.17
C ALA D 108 -31.95 -8.80 -4.81
N THR D 109 -31.29 -9.28 -5.86
CA THR D 109 -31.74 -10.48 -6.58
C THR D 109 -30.89 -11.73 -6.38
N PHE D 110 -29.97 -11.69 -5.42
CA PHE D 110 -29.08 -12.82 -5.11
C PHE D 110 -29.42 -13.34 -3.70
N TRP D 111 -29.19 -14.63 -3.44
CA TRP D 111 -29.44 -15.23 -2.13
C TRP D 111 -28.51 -14.65 -1.05
N GLY D 112 -27.28 -14.31 -1.44
CA GLY D 112 -26.29 -13.71 -0.55
C GLY D 112 -26.58 -12.28 -0.16
N ASP D 113 -27.51 -11.61 -0.86
CA ASP D 113 -27.90 -10.25 -0.55
C ASP D 113 -28.85 -10.16 0.67
N TYR D 114 -29.26 -11.29 1.25
CA TYR D 114 -30.18 -11.29 2.38
C TYR D 114 -29.50 -11.75 3.67
N ASP D 115 -30.10 -11.40 4.81
CA ASP D 115 -29.53 -11.72 6.11
C ASP D 115 -30.33 -12.74 6.89
N TYR D 116 -31.65 -12.73 6.73
CA TYR D 116 -32.52 -13.67 7.45
C TYR D 116 -33.32 -14.53 6.47
N TRP D 117 -33.54 -15.80 6.81
CA TRP D 117 -34.29 -16.71 5.95
C TRP D 117 -35.36 -17.50 6.70
N GLY D 118 -36.39 -17.92 5.97
CA GLY D 118 -37.47 -18.72 6.52
C GLY D 118 -37.22 -20.21 6.35
N GLN D 119 -38.14 -21.03 6.88
CA GLN D 119 -38.04 -22.49 6.83
C GLN D 119 -38.37 -23.08 5.45
N GLY D 120 -39.21 -22.40 4.70
CA GLY D 120 -39.67 -22.82 3.38
C GLY D 120 -41.10 -23.36 3.38
N THR D 121 -41.85 -23.08 2.30
CA THR D 121 -43.21 -23.58 2.18
C THR D 121 -43.37 -24.33 0.86
N GLN D 122 -43.92 -25.54 0.90
CA GLN D 122 -44.07 -26.36 -0.30
C GLN D 122 -45.23 -25.93 -1.20
N VAL D 123 -44.93 -25.72 -2.48
CA VAL D 123 -45.91 -25.34 -3.50
C VAL D 123 -45.85 -26.36 -4.63
N THR D 124 -46.96 -27.04 -4.90
CA THR D 124 -47.00 -28.06 -5.95
C THR D 124 -48.10 -27.78 -6.96
N VAL D 125 -47.75 -27.73 -8.25
CA VAL D 125 -48.72 -27.50 -9.30
C VAL D 125 -48.74 -28.74 -10.19
N SER D 126 -49.91 -29.36 -10.34
CA SER D 126 -50.03 -30.57 -11.15
C SER D 126 -50.72 -30.32 -12.48
N SER D 127 -50.39 -31.13 -13.50
CA SER D 127 -50.98 -30.99 -14.83
C SER D 127 -52.47 -31.31 -14.86
N GLN E 1 26.58 -17.39 -4.60
CA GLN E 1 26.98 -17.28 -3.20
C GLN E 1 28.40 -16.72 -3.06
N VAL E 2 28.60 -15.77 -2.15
CA VAL E 2 29.91 -15.15 -1.92
C VAL E 2 30.79 -16.04 -1.05
N GLN E 3 32.02 -16.31 -1.49
CA GLN E 3 32.95 -17.16 -0.76
C GLN E 3 34.01 -16.35 -0.04
N LEU E 4 34.26 -16.65 1.24
CA LEU E 4 35.28 -15.98 2.05
C LEU E 4 36.34 -17.01 2.44
N VAL E 5 37.61 -16.74 2.12
CA VAL E 5 38.70 -17.67 2.45
C VAL E 5 39.74 -17.01 3.34
N GLU E 6 39.95 -17.56 4.55
CA GLU E 6 40.94 -17.02 5.48
C GLU E 6 42.28 -17.71 5.32
N SER E 7 43.34 -16.95 5.56
CA SER E 7 44.71 -17.42 5.53
C SER E 7 45.53 -16.64 6.55
N GLY E 8 46.62 -17.24 6.99
CA GLY E 8 47.37 -16.68 8.08
C GLY E 8 46.80 -17.36 9.31
N GLY E 9 47.60 -17.40 10.32
CA GLY E 9 47.23 -18.10 11.54
C GLY E 9 48.34 -19.07 11.88
N GLY E 10 48.16 -19.81 12.96
CA GLY E 10 49.16 -20.78 13.40
C GLY E 10 49.41 -20.79 14.89
N LEU E 11 50.62 -21.17 15.30
CA LEU E 11 50.98 -21.28 16.70
C LEU E 11 52.16 -20.38 17.03
N VAL E 12 51.98 -19.46 17.98
CA VAL E 12 53.00 -18.52 18.40
C VAL E 12 53.13 -18.43 19.92
N GLN E 13 54.28 -17.97 20.42
CA GLN E 13 54.50 -17.79 21.85
C GLN E 13 53.80 -16.52 22.34
N ALA E 14 53.57 -16.41 23.66
CA ALA E 14 52.93 -15.23 24.23
C ALA E 14 53.78 -13.99 24.00
N GLY E 15 53.16 -12.92 23.52
CA GLY E 15 53.84 -11.68 23.21
C GLY E 15 54.13 -11.47 21.73
N GLY E 16 54.09 -12.56 20.96
CA GLY E 16 54.35 -12.52 19.54
C GLY E 16 53.23 -11.92 18.72
N SER E 17 53.40 -11.86 17.39
CA SER E 17 52.40 -11.29 16.51
C SER E 17 51.98 -12.21 15.38
N LEU E 18 50.79 -11.96 14.82
CA LEU E 18 50.20 -12.70 13.70
C LEU E 18 49.45 -11.74 12.78
N ARG E 19 49.23 -12.13 11.52
CA ARG E 19 48.52 -11.29 10.56
C ARG E 19 47.55 -12.14 9.73
N LEU E 20 46.25 -12.02 9.99
CA LEU E 20 45.25 -12.79 9.26
C LEU E 20 44.77 -12.02 8.03
N SER E 21 44.37 -12.74 6.99
CA SER E 21 43.82 -12.14 5.78
C SER E 21 42.61 -12.95 5.31
N CYS E 22 41.64 -12.29 4.67
CA CYS E 22 40.45 -12.96 4.20
C CYS E 22 40.10 -12.49 2.79
N ALA E 23 40.30 -13.34 1.79
CA ALA E 23 39.98 -13.00 0.41
C ALA E 23 38.53 -13.32 0.09
N ALA E 24 37.86 -12.42 -0.62
CA ALA E 24 36.46 -12.62 -0.99
C ALA E 24 36.29 -12.74 -2.49
N SER E 25 35.27 -13.48 -2.92
CA SER E 25 34.98 -13.67 -4.34
C SER E 25 33.92 -12.66 -4.82
N GLY E 26 33.86 -12.44 -6.12
CA GLY E 26 32.89 -11.52 -6.70
C GLY E 26 33.42 -10.12 -6.87
N ARG E 27 32.56 -9.19 -7.30
CA ARG E 27 32.96 -7.81 -7.52
C ARG E 27 32.19 -6.82 -6.64
N ALA E 28 31.71 -7.27 -5.47
CA ALA E 28 30.95 -6.39 -4.58
C ALA E 28 31.55 -6.28 -3.18
N PHE E 29 32.86 -6.58 -3.02
CA PHE E 29 33.54 -6.53 -1.73
C PHE E 29 33.49 -5.14 -1.11
N SER E 30 33.69 -4.09 -1.93
CA SER E 30 33.65 -2.70 -1.46
C SER E 30 32.31 -2.27 -0.86
N THR E 31 31.24 -3.08 -1.05
CA THR E 31 29.91 -2.79 -0.53
C THR E 31 29.58 -3.56 0.76
N TYR E 32 30.48 -4.45 1.21
CA TYR E 32 30.22 -5.26 2.41
C TYR E 32 30.85 -4.65 3.65
N VAL E 33 30.23 -4.91 4.79
CA VAL E 33 30.79 -4.53 6.08
C VAL E 33 31.57 -5.77 6.48
N MET E 34 32.89 -5.64 6.65
CA MET E 34 33.71 -6.80 7.01
C MET E 34 33.97 -6.87 8.49
N GLY E 35 34.03 -8.07 9.02
CA GLY E 35 34.26 -8.27 10.44
C GLY E 35 34.99 -9.55 10.78
N TRP E 36 35.61 -9.57 11.96
CA TRP E 36 36.33 -10.72 12.46
C TRP E 36 35.68 -11.19 13.76
N PHE E 37 35.51 -12.50 13.88
CA PHE E 37 34.93 -13.14 15.06
C PHE E 37 35.86 -14.27 15.52
N ARG E 38 35.72 -14.72 16.78
CA ARG E 38 36.57 -15.82 17.25
C ARG E 38 35.78 -16.82 18.07
N GLU E 39 36.03 -18.09 17.80
CA GLU E 39 35.35 -19.17 18.49
C GLU E 39 36.31 -19.94 19.38
N ALA E 40 36.29 -19.66 20.68
CA ALA E 40 37.11 -20.41 21.64
C ALA E 40 36.46 -21.78 21.81
N PRO E 41 37.24 -22.86 22.06
CA PRO E 41 36.64 -24.20 22.19
C PRO E 41 35.55 -24.26 23.26
N GLY E 42 34.35 -24.67 22.87
CA GLY E 42 33.22 -24.75 23.79
C GLY E 42 32.52 -23.43 24.05
N LYS E 43 33.07 -22.32 23.54
CA LYS E 43 32.48 -20.99 23.73
C LYS E 43 31.90 -20.45 22.42
N GLU E 44 30.89 -19.59 22.51
CA GLU E 44 30.23 -19.00 21.33
C GLU E 44 31.14 -18.01 20.59
N ARG E 45 30.84 -17.76 19.29
CA ARG E 45 31.60 -16.83 18.46
C ARG E 45 31.50 -15.42 19.00
N ASP E 46 32.61 -14.92 19.57
CA ASP E 46 32.65 -13.57 20.12
C ASP E 46 33.12 -12.57 19.07
N PHE E 47 32.68 -11.33 19.19
CA PHE E 47 33.05 -10.27 18.27
C PHE E 47 34.50 -9.85 18.49
N VAL E 48 35.26 -9.65 17.42
CA VAL E 48 36.65 -9.21 17.53
C VAL E 48 36.83 -7.77 17.03
N ALA E 49 36.55 -7.52 15.73
CA ALA E 49 36.69 -6.20 15.14
C ALA E 49 35.80 -6.05 13.91
N THR E 50 35.31 -4.84 13.65
CA THR E 50 34.50 -4.57 12.48
C THR E 50 35.02 -3.36 11.72
N LEU E 51 34.70 -3.28 10.43
CA LEU E 51 35.22 -2.21 9.59
C LEU E 51 34.20 -1.69 8.58
N SER E 52 34.17 -0.38 8.39
CA SER E 52 33.25 0.25 7.43
C SER E 52 33.58 -0.19 5.99
N ARG E 53 32.62 -0.05 5.07
CA ARG E 53 32.78 -0.45 3.66
C ARG E 53 34.05 0.09 2.98
N GLY E 54 34.51 1.27 3.40
CA GLY E 54 35.69 1.90 2.85
C GLY E 54 36.96 1.60 3.60
N GLY E 55 36.84 1.34 4.90
CA GLY E 55 37.97 0.99 5.75
C GLY E 55 38.52 2.08 6.64
N ALA E 56 37.87 3.25 6.66
CA ALA E 56 38.33 4.36 7.50
C ALA E 56 37.75 4.37 8.91
N VAL E 57 36.68 3.59 9.16
CA VAL E 57 36.07 3.56 10.48
C VAL E 57 36.18 2.17 11.11
N THR E 58 37.04 2.03 12.12
CA THR E 58 37.28 0.75 12.79
C THR E 58 36.61 0.69 14.16
N TYR E 59 36.17 -0.52 14.56
CA TYR E 59 35.55 -0.72 15.88
C TYR E 59 36.10 -2.02 16.47
N TYR E 60 36.46 -2.01 17.76
CA TYR E 60 37.05 -3.18 18.39
C TYR E 60 36.38 -3.58 19.70
N ALA E 61 36.53 -4.86 20.08
CA ALA E 61 36.05 -5.34 21.36
C ALA E 61 37.03 -4.85 22.43
N ASP E 62 36.55 -4.67 23.66
CA ASP E 62 37.39 -4.19 24.76
C ASP E 62 38.58 -5.10 25.07
N SER E 63 38.46 -6.40 24.80
CA SER E 63 39.53 -7.36 25.08
C SER E 63 40.68 -7.28 24.07
N VAL E 64 40.42 -6.80 22.85
CA VAL E 64 41.49 -6.71 21.83
C VAL E 64 41.84 -5.27 21.42
N LYS E 65 41.23 -4.26 22.05
CA LYS E 65 41.49 -2.87 21.74
C LYS E 65 42.91 -2.48 22.14
N GLY E 66 43.62 -1.81 21.23
CA GLY E 66 45.00 -1.41 21.47
C GLY E 66 46.04 -2.46 21.09
N ARG E 67 45.59 -3.69 20.82
CA ARG E 67 46.49 -4.78 20.43
C ARG E 67 46.21 -5.26 19.01
N PHE E 68 44.92 -5.32 18.64
CA PHE E 68 44.54 -5.78 17.31
C PHE E 68 44.24 -4.60 16.38
N THR E 69 44.47 -4.79 15.06
CA THR E 69 44.21 -3.73 14.08
C THR E 69 43.52 -4.29 12.83
N ILE E 70 42.29 -3.86 12.56
CA ILE E 70 41.56 -4.32 11.39
C ILE E 70 41.74 -3.30 10.26
N SER E 71 42.04 -3.80 9.06
CA SER E 71 42.25 -2.95 7.88
C SER E 71 41.70 -3.67 6.61
N ARG E 72 41.59 -2.95 5.47
CA ARG E 72 41.09 -3.58 4.25
C ARG E 72 41.66 -2.97 2.98
N ASP E 73 41.67 -3.76 1.91
CA ASP E 73 42.13 -3.32 0.61
C ASP E 73 41.08 -3.73 -0.41
N ASN E 74 40.18 -2.82 -0.76
CA ASN E 74 39.11 -3.11 -1.72
C ASN E 74 39.64 -3.48 -3.11
N ALA E 75 40.87 -3.06 -3.44
CA ALA E 75 41.53 -3.38 -4.70
C ALA E 75 41.82 -4.88 -4.82
N LYS E 76 42.12 -5.54 -3.70
CA LYS E 76 42.43 -6.96 -3.69
C LYS E 76 41.33 -7.83 -3.04
N ASN E 77 40.15 -7.25 -2.74
CA ASN E 77 39.03 -7.94 -2.09
C ASN E 77 39.47 -8.64 -0.80
N THR E 78 40.31 -7.98 0.00
CA THR E 78 40.83 -8.60 1.22
C THR E 78 40.63 -7.75 2.49
N VAL E 79 40.35 -8.42 3.61
CA VAL E 79 40.24 -7.77 4.92
C VAL E 79 41.34 -8.39 5.82
N TYR E 80 42.03 -7.55 6.60
CA TYR E 80 43.14 -8.00 7.43
C TYR E 80 42.89 -7.81 8.93
N LEU E 81 43.60 -8.59 9.77
CA LEU E 81 43.53 -8.49 11.21
C LEU E 81 44.93 -8.68 11.79
N GLN E 82 45.61 -7.59 12.14
CA GLN E 82 46.94 -7.67 12.71
C GLN E 82 46.81 -7.89 14.20
N MET E 83 47.36 -8.99 14.72
CA MET E 83 47.25 -9.31 16.13
C MET E 83 48.60 -9.14 16.84
N ASP E 84 48.78 -8.03 17.56
CA ASP E 84 50.02 -7.76 18.30
C ASP E 84 49.83 -8.04 19.80
N SER E 85 50.94 -8.27 20.54
CA SER E 85 50.94 -8.56 21.97
C SER E 85 49.97 -9.69 22.35
N LEU E 86 50.03 -10.80 21.61
CA LEU E 86 49.16 -11.95 21.80
C LEU E 86 49.23 -12.57 23.19
N GLU E 87 48.08 -12.95 23.72
CA GLU E 87 47.94 -13.57 25.03
C GLU E 87 47.37 -14.98 24.87
N PRO E 88 47.62 -15.90 25.82
CA PRO E 88 47.03 -17.25 25.71
C PRO E 88 45.49 -17.25 25.59
N GLU E 89 44.84 -16.18 26.11
CA GLU E 89 43.39 -16.01 26.03
C GLU E 89 42.89 -15.74 24.59
N ASP E 90 43.78 -15.34 23.68
CA ASP E 90 43.44 -15.11 22.28
C ASP E 90 43.43 -16.40 21.44
N THR E 91 43.60 -17.57 22.06
CA THR E 91 43.59 -18.85 21.37
C THR E 91 42.15 -19.21 20.99
N ALA E 92 41.85 -19.16 19.68
CA ALA E 92 40.51 -19.43 19.15
C ALA E 92 40.53 -19.66 17.61
N VAL E 93 39.40 -20.11 17.01
CA VAL E 93 39.30 -20.25 15.57
C VAL E 93 38.74 -18.93 15.07
N TYR E 94 39.52 -18.17 14.29
CA TYR E 94 39.07 -16.85 13.82
C TYR E 94 38.31 -16.92 12.51
N TYR E 95 37.12 -16.32 12.50
CA TYR E 95 36.23 -16.30 11.35
C TYR E 95 36.09 -14.93 10.72
N CYS E 96 36.04 -14.90 9.40
CA CYS E 96 35.87 -13.71 8.58
C CYS E 96 34.40 -13.67 8.14
N ALA E 97 33.77 -12.49 8.22
CA ALA E 97 32.36 -12.37 7.86
C ALA E 97 32.01 -11.11 7.07
N ALA E 98 31.09 -11.24 6.13
CA ALA E 98 30.66 -10.13 5.28
C ALA E 98 29.18 -9.80 5.49
N ARG E 99 28.86 -8.50 5.58
CA ARG E 99 27.49 -8.03 5.77
C ARG E 99 27.02 -7.19 4.59
N ASP E 100 25.95 -7.65 3.93
CA ASP E 100 25.35 -6.93 2.82
C ASP E 100 23.95 -6.50 3.25
N ARG E 101 23.88 -5.64 4.28
CA ARG E 101 22.62 -5.14 4.81
C ARG E 101 22.70 -3.64 5.14
N LEU E 102 21.54 -2.98 5.30
CA LEU E 102 21.44 -1.57 5.69
C LEU E 102 22.08 -1.37 7.07
N GLY E 103 22.71 -0.22 7.26
CA GLY E 103 23.33 0.11 8.53
C GLY E 103 24.84 0.20 8.43
N GLY E 104 25.45 0.72 9.48
CA GLY E 104 26.90 0.85 9.52
C GLY E 104 27.58 -0.28 10.24
N ALA E 105 28.91 -0.31 10.16
CA ALA E 105 29.74 -1.31 10.82
C ALA E 105 29.73 -1.16 12.34
N GLY E 106 29.54 0.05 12.84
CA GLY E 106 29.51 0.35 14.27
C GLY E 106 28.52 -0.46 15.09
N THR E 107 27.45 -0.92 14.46
CA THR E 107 26.44 -1.72 15.14
C THR E 107 26.51 -3.21 14.77
N ALA E 108 27.31 -3.59 13.76
CA ALA E 108 27.45 -4.99 13.36
C ALA E 108 28.46 -5.72 14.27
N THR E 109 28.09 -5.90 15.53
CA THR E 109 28.93 -6.58 16.51
C THR E 109 28.38 -7.94 16.96
N PHE E 110 27.38 -8.48 16.25
CA PHE E 110 26.80 -9.78 16.56
C PHE E 110 27.03 -10.72 15.36
N TRP E 111 27.18 -12.03 15.60
CA TRP E 111 27.40 -12.97 14.52
C TRP E 111 26.20 -13.08 13.58
N GLY E 112 25.00 -12.90 14.11
CA GLY E 112 23.76 -12.91 13.32
C GLY E 112 23.61 -11.71 12.40
N ASP E 113 24.40 -10.65 12.61
CA ASP E 113 24.39 -9.45 11.77
C ASP E 113 25.10 -9.64 10.43
N TYR E 114 25.72 -10.80 10.17
CA TYR E 114 26.45 -11.03 8.93
C TYR E 114 25.75 -12.03 8.02
N ASP E 115 26.08 -12.02 6.73
CA ASP E 115 25.43 -12.87 5.76
C ASP E 115 26.34 -13.97 5.21
N TYR E 116 27.63 -13.66 5.07
CA TYR E 116 28.58 -14.64 4.55
C TYR E 116 29.68 -14.95 5.57
N TRP E 117 30.15 -16.19 5.58
CA TRP E 117 31.17 -16.60 6.54
C TRP E 117 32.27 -17.40 5.88
N GLY E 118 33.45 -17.36 6.50
CA GLY E 118 34.60 -18.12 6.05
C GLY E 118 34.70 -19.47 6.73
N GLN E 119 35.71 -20.27 6.34
CA GLN E 119 35.94 -21.61 6.87
C GLN E 119 36.61 -21.65 8.27
N GLY E 120 37.22 -20.54 8.67
CA GLY E 120 37.89 -20.40 9.94
C GLY E 120 39.37 -20.70 9.88
N THR E 121 40.19 -19.92 10.62
CA THR E 121 41.64 -20.15 10.68
C THR E 121 42.07 -20.32 12.14
N GLN E 122 42.82 -21.39 12.45
CA GLN E 122 43.24 -21.66 13.82
C GLN E 122 44.38 -20.77 14.30
N VAL E 123 44.20 -20.15 15.47
CA VAL E 123 45.19 -19.28 16.09
C VAL E 123 45.44 -19.80 17.52
N THR E 124 46.68 -20.18 17.82
CA THR E 124 47.04 -20.70 19.13
C THR E 124 48.17 -19.91 19.76
N VAL E 125 47.98 -19.44 20.99
CA VAL E 125 49.01 -18.69 21.70
C VAL E 125 49.37 -19.48 22.95
N SER E 126 50.64 -19.85 23.10
CA SER E 126 51.08 -20.64 24.25
C SER E 126 51.87 -19.81 25.25
K K F . 2.89 -0.71 1.26
K K G . -0.79 -0.98 1.75
K K H . -9.84 -3.22 2.37
K K I . -4.13 -1.56 2.53
K K J . -6.89 -2.24 2.37
C1 MPD K . -31.34 -6.86 -10.98
C2 MPD K . -29.94 -7.46 -10.98
O2 MPD K . -30.04 -8.86 -10.63
CM MPD K . -29.08 -6.81 -9.93
C3 MPD K . -29.27 -7.32 -12.36
C4 MPD K . -29.72 -8.14 -13.57
O4 MPD K . -30.57 -9.24 -13.24
C5 MPD K . -30.41 -7.26 -14.59
#